data_1VS2
# 
_entry.id   1VS2 
# 
_audit_conform.dict_name       mmcif_pdbx.dic 
_audit_conform.dict_version    5.383 
_audit_conform.dict_location   http://mmcif.pdb.org/dictionaries/ascii/mmcif_pdbx.dic 
# 
loop_
_database_2.database_id 
_database_2.database_code 
_database_2.pdbx_database_accession 
_database_2.pdbx_DOI 
PDB   1VS2         pdb_00001vs2 10.2210/pdb1vs2/pdb 
NDB   DDH010       ?            ?                   
RCSB  RCSB003002   ?            ?                   
WWPDB D_1000003002 ?            ?                   
# 
loop_
_pdbx_audit_revision_history.ordinal 
_pdbx_audit_revision_history.data_content_type 
_pdbx_audit_revision_history.major_revision 
_pdbx_audit_revision_history.minor_revision 
_pdbx_audit_revision_history.revision_date 
1 'Structure model' 1 0 2006-06-27 
2 'Structure model' 1 1 2011-06-14 
3 'Structure model' 1 2 2011-07-13 
4 'Structure model' 1 3 2011-07-27 
5 'Structure model' 1 4 2012-02-08 
6 'Structure model' 1 5 2013-02-27 
7 'Structure model' 1 6 2023-12-27 
# 
_pdbx_audit_revision_details.ordinal             1 
_pdbx_audit_revision_details.revision_ordinal    1 
_pdbx_audit_revision_details.data_content_type   'Structure model' 
_pdbx_audit_revision_details.provider            repository 
_pdbx_audit_revision_details.type                'Initial release' 
_pdbx_audit_revision_details.description         ? 
_pdbx_audit_revision_details.details             ? 
# 
loop_
_pdbx_audit_revision_group.ordinal 
_pdbx_audit_revision_group.revision_ordinal 
_pdbx_audit_revision_group.data_content_type 
_pdbx_audit_revision_group.group 
1  2 'Structure model' 'Version format compliance' 
2  3 'Structure model' 'Version format compliance' 
3  4 'Structure model' 'Atomic model'              
4  4 'Structure model' 'Database references'       
5  4 'Structure model' 'Derived calculations'      
6  4 'Structure model' 'Non-polymer description'   
7  4 'Structure model' 'Structure summary'         
8  5 'Structure model' 'Derived calculations'      
9  6 'Structure model' Other                       
10 7 'Structure model' Advisory                    
11 7 'Structure model' 'Data collection'           
12 7 'Structure model' 'Database references'       
13 7 'Structure model' 'Derived calculations'      
# 
loop_
_pdbx_audit_revision_category.ordinal 
_pdbx_audit_revision_category.revision_ordinal 
_pdbx_audit_revision_category.data_content_type 
_pdbx_audit_revision_category.category 
1 7 'Structure model' chem_comp_atom                
2 7 'Structure model' chem_comp_bond                
3 7 'Structure model' database_2                    
4 7 'Structure model' pdbx_validate_polymer_linkage 
5 7 'Structure model' struct_conn                   
# 
loop_
_pdbx_audit_revision_item.ordinal 
_pdbx_audit_revision_item.revision_ordinal 
_pdbx_audit_revision_item.data_content_type 
_pdbx_audit_revision_item.item 
1 7 'Structure model' '_database_2.pdbx_DOI'                
2 7 'Structure model' '_database_2.pdbx_database_accession' 
3 7 'Structure model' '_struct_conn.pdbx_leaving_atom_flag' 
# 
_pdbx_database_status.status_code                     REL 
_pdbx_database_status.entry_id                        1VS2 
_pdbx_database_status.recvd_initial_deposition_date   1986-10-21 
_pdbx_database_status.deposit_site                    NDB 
_pdbx_database_status.process_site                    NDB 
_pdbx_database_status.status_code_sf                  ? 
_pdbx_database_status.status_code_mr                  ? 
_pdbx_database_status.SG_entry                        ? 
_pdbx_database_status.status_code_cs                  ? 
_pdbx_database_status.methods_development_category    ? 
_pdbx_database_status.pdb_format_compatible           Y 
_pdbx_database_status.status_code_nmr_data            ? 
# 
loop_
_pdbx_database_related.db_name 
_pdbx_database_related.db_id 
_pdbx_database_related.content_type 
_pdbx_database_related.details 
PDB 185D unspecified 'SOLUTION STRUCTURE OF D(GACGTC) COMPLEXED WITH TRIOSTIN A'                                 
PDB 193D unspecified 'SOLUTION STRUCTURE OF D(ACACGTGT) COMPLEXED WITH QUINOMYCIN UK-6305'                       
PDB 1PFE unspecified 'CRYSTAL STRUCTURE OF D(GCGTACG) COMPLEXED WITH ECHINOMYCIN - SPACE GROUP P6322'            
PDB 1XVK unspecified 'CRYSTAL STRUCTURE OF D(GCGTACGC) COMPLEXED WITH ECHINOMYCIN - SPACE GROUP P632'            
PDB 1XVN unspecified 'CRYSTAL STRUCTURE OF D(ACGTACGT) COMPLEXED WITH ECHINOMYCIN - SPACE GROUP P632'            
PDB 1XVR unspecified 'CRYSTAL STRUCTURE OF D(CGTACG) COMPLEXED WITH ECHINOMYCIN - SPACE GROUP C21'               
PDB 2ADW unspecified 'CRYSTAL STRUCTURE OF D(ACGTACGT) COMPLEXED WITH ECHINOMYCIN - SPACE GROUP P42212'          
PDB 2DA8 unspecified 'SOLUTION STRUCTURE OF D(GATATC) COMPLEXED WITH A MODIFIED TRIOSTIN A AT POSITIONS 4 AND 8' 
PDB 3GO3 unspecified 'CRYSTAL STRUCTURE OF D(ACGTACGT) COMPLEXED WITH ECHINOMYCIN - SPACE GROUP P41212'          
# 
loop_
_audit_author.name 
_audit_author.pdbx_ordinal 
'Wang, A.H.-J.' 1 
'Ughetto, G.'   2 
'Quigley, G.J.' 3 
'Rich, A.'      4 
# 
loop_
_citation.id 
_citation.title 
_citation.journal_abbrev 
_citation.journal_volume 
_citation.page_first 
_citation.page_last 
_citation.year 
_citation.journal_id_ASTM 
_citation.country 
_citation.journal_id_ISSN 
_citation.journal_id_CSD 
_citation.book_publisher 
_citation.pdbx_database_id_PubMed 
_citation.pdbx_database_id_DOI 
primary 'Interactions of Quinoxaline Antibiotic and DNA: The Molecular Structure of a Triostin A-D(Gcgtacgc) Complex.' 
J.Biomol.Struct.Dyn. 4   319  ? 1986 JBSDD6 US 0739-1102 0646 ? 3271447 ?                       
1       'Non-Watson-Crick G-C and A-T Base Pairs in a DNA-Antibiotic Complex'                                          Science 232 
1255 ? 1986 SCIEAS US 0036-8075 0038 ? ?       10.1126/SCIENCE.3704650 
# 
loop_
_citation_author.citation_id 
_citation_author.name 
_citation_author.ordinal 
_citation_author.identifier_ORCID 
primary 'Wang, A.H.'          1  ? 
primary 'Ughetto, G.'         2  ? 
primary 'Quigley, G.J.'       3  ? 
primary 'Rich, A.'            4  ? 
1       'Quigley, G.J.'       5  ? 
1       'Ughetto, G.'         6  ? 
1       'Van Der Marel, G.A.' 7  ? 
1       'Van Boom, J.H.'      8  ? 
1       'Wang, A.H.-J.'       9  ? 
1       'Rich, A.'            10 ? 
# 
loop_
_entity.id 
_entity.type 
_entity.src_method 
_entity.pdbx_description 
_entity.formula_weight 
_entity.pdbx_number_of_molecules 
_entity.pdbx_ec 
_entity.pdbx_mutation 
_entity.pdbx_fragment 
_entity.details 
1 polymer     syn "5'-D(*GP*CP*GP*TP*AP*CP*GP*C)-3'" 2427.605 1 ? ? ? ? 
2 polymer     nat 'TRIOSTIN A'                       794.982  1 ? ? ? ? 
3 non-polymer syn 2-CARBOXYQUINOXALINE               174.156  2 ? ? ? ? 
# 
loop_
_entity_poly.entity_id 
_entity_poly.type 
_entity_poly.nstd_linkage 
_entity_poly.nstd_monomer 
_entity_poly.pdbx_seq_one_letter_code 
_entity_poly.pdbx_seq_one_letter_code_can 
_entity_poly.pdbx_strand_id 
_entity_poly.pdbx_target_identifier 
1 polydeoxyribonucleotide no no  '(DG)(DC)(DG)(DT)(DA)(DC)(DG)(DC)' GCGTACGC A ? 
2 'polypeptide(L)'        no yes '(DSN)A(NCY)(MVA)(DSN)A(NCY)(MVA)' SAXVSAXV B ? 
# 
_pdbx_entity_nonpoly.entity_id   3 
_pdbx_entity_nonpoly.name        2-CARBOXYQUINOXALINE 
_pdbx_entity_nonpoly.comp_id     QUI 
# 
loop_
_entity_poly_seq.entity_id 
_entity_poly_seq.num 
_entity_poly_seq.mon_id 
_entity_poly_seq.hetero 
1 1 DG  n 
1 2 DC  n 
1 3 DG  n 
1 4 DT  n 
1 5 DA  n 
1 6 DC  n 
1 7 DG  n 
1 8 DC  n 
2 1 DSN n 
2 2 ALA n 
2 3 NCY n 
2 4 MVA n 
2 5 DSN n 
2 6 ALA n 
2 7 NCY n 
2 8 MVA n 
# 
_entity_src_nat.entity_id                  2 
_entity_src_nat.pdbx_src_id                1 
_entity_src_nat.pdbx_alt_source_flag       sample 
_entity_src_nat.pdbx_beg_seq_num           ? 
_entity_src_nat.pdbx_end_seq_num           ? 
_entity_src_nat.common_name                ? 
_entity_src_nat.pdbx_organism_scientific   STREPTOMYCINEAE 
_entity_src_nat.pdbx_ncbi_taxonomy_id      1931 
_entity_src_nat.genus                      ? 
_entity_src_nat.species                    ? 
_entity_src_nat.strain                     ? 
_entity_src_nat.tissue                     ? 
_entity_src_nat.tissue_fraction            ? 
_entity_src_nat.pdbx_secretion             ? 
_entity_src_nat.pdbx_fragment              ? 
_entity_src_nat.pdbx_variant               ? 
_entity_src_nat.pdbx_cell_line             ? 
_entity_src_nat.pdbx_atcc                  ? 
_entity_src_nat.pdbx_cellular_location     ? 
_entity_src_nat.pdbx_organ                 ? 
_entity_src_nat.pdbx_organelle             ? 
_entity_src_nat.pdbx_cell                  ? 
_entity_src_nat.pdbx_plasmid_name          ? 
_entity_src_nat.pdbx_plasmid_details       ? 
_entity_src_nat.details                    ? 
# 
loop_
_chem_comp.id 
_chem_comp.type 
_chem_comp.mon_nstd_flag 
_chem_comp.name 
_chem_comp.pdbx_synonyms 
_chem_comp.formula 
_chem_comp.formula_weight 
ALA 'L-peptide linking' y ALANINE                              ? 'C3 H7 N O2'      89.093  
DA  'DNA linking'       y "2'-DEOXYADENOSINE-5'-MONOPHOSPHATE" ? 'C10 H14 N5 O6 P' 331.222 
DC  'DNA linking'       y "2'-DEOXYCYTIDINE-5'-MONOPHOSPHATE"  ? 'C9 H14 N3 O7 P'  307.197 
DG  'DNA linking'       y "2'-DEOXYGUANOSINE-5'-MONOPHOSPHATE" ? 'C10 H14 N5 O7 P' 347.221 
DSN 'D-peptide linking' . D-SERINE                             ? 'C3 H7 N O3'      105.093 
DT  'DNA linking'       y "THYMIDINE-5'-MONOPHOSPHATE"         ? 'C10 H15 N2 O8 P' 322.208 
MVA 'L-peptide linking' n N-METHYLVALINE                       ? 'C6 H13 N O2'     131.173 
NCY 'L-peptide linking' . N-METHYLCYSTEINE                     ? 'C4 H9 N O2 S'    135.185 
QUI non-polymer         . 2-CARBOXYQUINOXALINE                 ? 'C9 H6 N2 O2'     174.156 
# 
loop_
_pdbx_poly_seq_scheme.asym_id 
_pdbx_poly_seq_scheme.entity_id 
_pdbx_poly_seq_scheme.seq_id 
_pdbx_poly_seq_scheme.mon_id 
_pdbx_poly_seq_scheme.ndb_seq_num 
_pdbx_poly_seq_scheme.pdb_seq_num 
_pdbx_poly_seq_scheme.auth_seq_num 
_pdbx_poly_seq_scheme.pdb_mon_id 
_pdbx_poly_seq_scheme.auth_mon_id 
_pdbx_poly_seq_scheme.pdb_strand_id 
_pdbx_poly_seq_scheme.pdb_ins_code 
_pdbx_poly_seq_scheme.hetero 
A 1 1 DG  1 1 1 DG  DG  A . n 
A 1 2 DC  2 2 2 DC  DC  A . n 
A 1 3 DG  3 3 3 DG  DG  A . n 
A 1 4 DT  4 4 4 DT  DT  A . n 
A 1 5 DA  5 5 5 DA  DA  A . n 
A 1 6 DC  6 6 6 DC  DC  A . n 
A 1 7 DG  7 7 7 DG  DG  A . n 
A 1 8 DC  8 8 8 DC  DC  A . n 
B 2 1 DSN 1 1 1 DSN DSN B . n 
B 2 2 ALA 2 2 2 ALA ALA B . n 
B 2 3 NCY 3 3 3 NCY NCY B . n 
B 2 4 MVA 4 4 4 MVA MVA B . n 
B 2 5 DSN 5 5 5 DSN DSN B . n 
B 2 6 ALA 6 6 6 ALA ALA B . n 
B 2 7 NCY 7 7 7 NCY NCY B . n 
B 2 8 MVA 8 8 8 MVA MVA B . n 
# 
loop_
_pdbx_nonpoly_scheme.asym_id 
_pdbx_nonpoly_scheme.entity_id 
_pdbx_nonpoly_scheme.mon_id 
_pdbx_nonpoly_scheme.ndb_seq_num 
_pdbx_nonpoly_scheme.pdb_seq_num 
_pdbx_nonpoly_scheme.auth_seq_num 
_pdbx_nonpoly_scheme.pdb_mon_id 
_pdbx_nonpoly_scheme.auth_mon_id 
_pdbx_nonpoly_scheme.pdb_strand_id 
_pdbx_nonpoly_scheme.pdb_ins_code 
C 3 QUI 1 0 0 QUI QUI B . 
D 3 QUI 1 9 9 QUI QUI B . 
# 
_software.name             NUCLSQ 
_software.classification   refinement 
_software.version          . 
_software.citation_id      ? 
_software.pdbx_ordinal     1 
# 
_cell.entry_id           1VS2 
_cell.length_a           40.900 
_cell.length_b           40.900 
_cell.length_c           80.700 
_cell.angle_alpha        90.00 
_cell.angle_beta         90.00 
_cell.angle_gamma        120.00 
_cell.Z_PDB              12 
_cell.pdbx_unique_axis   ? 
_cell.length_a_esd       ? 
_cell.length_b_esd       ? 
_cell.length_c_esd       ? 
_cell.angle_alpha_esd    ? 
_cell.angle_beta_esd     ? 
_cell.angle_gamma_esd    ? 
# 
_symmetry.entry_id                         1VS2 
_symmetry.space_group_name_H-M             'P 63 2 2' 
_symmetry.pdbx_full_space_group_name_H-M   ? 
_symmetry.cell_setting                     ? 
_symmetry.Int_Tables_number                182 
_symmetry.space_group_name_Hall            ? 
# 
_exptl.entry_id          1VS2 
_exptl.method            'X-RAY DIFFRACTION' 
_exptl.crystals_number   ? 
# 
_exptl_crystal.id                    1 
_exptl_crystal.density_meas          ? 
_exptl_crystal.density_Matthews      3.84 
_exptl_crystal.density_percent_sol   67.94 
_exptl_crystal.description           ? 
_exptl_crystal.F_000                 ? 
_exptl_crystal.preparation           ? 
# 
_exptl_crystal_grow.crystal_id      1 
_exptl_crystal_grow.method          ? 
_exptl_crystal_grow.temp            ? 
_exptl_crystal_grow.temp_details    ? 
_exptl_crystal_grow.pH              4.50 
_exptl_crystal_grow.pdbx_pH_range   ? 
_exptl_crystal_grow.pdbx_details    'PH 4.50, VAPOR DIFFUSION' 
# 
loop_
_exptl_crystal_grow_comp.crystal_id 
_exptl_crystal_grow_comp.id 
_exptl_crystal_grow_comp.sol_id 
_exptl_crystal_grow_comp.name 
_exptl_crystal_grow_comp.volume 
_exptl_crystal_grow_comp.conc 
_exptl_crystal_grow_comp.details 
1 1 1 WATER        ? ? ? 
1 2 1 MPD          ? ? ? 
1 3 1 'NA ACETATE' ? ? ? 
1 4 1 NACL         ? ? ? 
1 5 1 MGCL2        ? ? ? 
1 6 1 SPERMINE     ? ? ? 
1 7 2 WATER        ? ? ? 
1 8 2 MPD          ? ? ? 
# 
_diffrn.id                     1 
_diffrn.ambient_temp           285.00 
_diffrn.ambient_temp_details   ? 
_diffrn.crystal_id             1 
# 
_diffrn_detector.diffrn_id              1 
_diffrn_detector.detector               DIFFRACTOMETER 
_diffrn_detector.type                   'NICOLET P3' 
_diffrn_detector.pdbx_collection_date   ? 
_diffrn_detector.details                ? 
# 
_diffrn_radiation.diffrn_id                        1 
_diffrn_radiation.wavelength_id                    1 
_diffrn_radiation.pdbx_monochromatic_or_laue_m_l   M 
_diffrn_radiation.monochromator                    ? 
_diffrn_radiation.pdbx_diffrn_protocol             'SINGLE WAVELENGTH' 
_diffrn_radiation.pdbx_scattering_type             x-ray 
# 
_diffrn_radiation_wavelength.id           1 
_diffrn_radiation_wavelength.wavelength   . 
_diffrn_radiation_wavelength.wt           1.0 
# 
_diffrn_source.diffrn_id                   1 
_diffrn_source.source                      ? 
_diffrn_source.type                        ? 
_diffrn_source.pdbx_synchrotron_site       ? 
_diffrn_source.pdbx_synchrotron_beamline   ? 
_diffrn_source.pdbx_wavelength             ? 
_diffrn_source.pdbx_wavelength_list        ? 
# 
_reflns.pdbx_diffrn_id               1 
_reflns.pdbx_ordinal                 1 
_reflns.entry_id                     1VS2 
_reflns.observed_criterion_sigma_I   1.500 
_reflns.observed_criterion_sigma_F   ? 
_reflns.d_resolution_low             ? 
_reflns.d_resolution_high            2.000 
_reflns.number_obs                   1130 
_reflns.number_all                   ? 
_reflns.percent_possible_obs         ? 
_reflns.pdbx_Rmerge_I_obs            ? 
_reflns.pdbx_Rsym_value              ? 
_reflns.pdbx_netI_over_sigmaI        ? 
_reflns.B_iso_Wilson_estimate        ? 
_reflns.pdbx_redundancy              ? 
_reflns.R_free_details               ? 
_reflns.pdbx_chi_squared             ? 
_reflns.pdbx_scaling_rejects         ? 
# 
_refine.pdbx_refine_id                           'X-RAY DIFFRACTION' 
_refine.entry_id                                 1VS2 
_refine.pdbx_diffrn_id                           1 
_refine.pdbx_TLS_residual_ADP_flag               ? 
_refine.ls_number_reflns_obs                     1130 
_refine.ls_number_reflns_all                     ? 
_refine.pdbx_ls_sigma_I                          ? 
_refine.pdbx_ls_sigma_F                          ? 
_refine.pdbx_data_cutoff_high_absF               ? 
_refine.pdbx_data_cutoff_low_absF                ? 
_refine.pdbx_data_cutoff_high_rms_absF           ? 
_refine.ls_d_res_low                             10.00 
_refine.ls_d_res_high                            2.00 
_refine.ls_percent_reflns_obs                    ? 
_refine.ls_R_factor_obs                          0.200 
_refine.ls_R_factor_all                          ? 
_refine.ls_R_factor_R_work                       ? 
_refine.ls_R_factor_R_free                       ? 
_refine.ls_R_factor_R_free_error                 ? 
_refine.ls_R_factor_R_free_error_details         ? 
_refine.ls_percent_reflns_R_free                 ? 
_refine.ls_number_reflns_R_free                  ? 
_refine.ls_number_parameters                     ? 
_refine.ls_number_restraints                     ? 
_refine.occupancy_min                            ? 
_refine.occupancy_max                            ? 
_refine.correlation_coeff_Fo_to_Fc               ? 
_refine.correlation_coeff_Fo_to_Fc_free          ? 
_refine.B_iso_mean                               ? 
_refine.aniso_B[1][1]                            ? 
_refine.aniso_B[2][2]                            ? 
_refine.aniso_B[3][3]                            ? 
_refine.aniso_B[1][2]                            ? 
_refine.aniso_B[1][3]                            ? 
_refine.aniso_B[2][3]                            ? 
_refine.solvent_model_details                    ? 
_refine.solvent_model_param_ksol                 ? 
_refine.solvent_model_param_bsol                 ? 
_refine.pdbx_solvent_vdw_probe_radii             ? 
_refine.pdbx_solvent_ion_probe_radii             ? 
_refine.pdbx_solvent_shrinkage_radii             ? 
_refine.pdbx_ls_cross_valid_method               ? 
_refine.details                                  ? 
_refine.pdbx_starting_model                      ? 
_refine.pdbx_method_to_determine_struct          ? 
_refine.pdbx_isotropic_thermal_model             ? 
_refine.pdbx_stereochemistry_target_values       ? 
_refine.pdbx_stereochem_target_val_spec_case     ? 
_refine.pdbx_R_Free_selection_details            ? 
_refine.pdbx_overall_ESU_R                       ? 
_refine.pdbx_overall_ESU_R_Free                  ? 
_refine.overall_SU_ML                            ? 
_refine.pdbx_overall_phase_error                 ? 
_refine.overall_SU_B                             ? 
_refine.overall_SU_R_Cruickshank_DPI             ? 
_refine.pdbx_overall_SU_R_free_Cruickshank_DPI   ? 
_refine.pdbx_overall_SU_R_Blow_DPI               ? 
_refine.pdbx_overall_SU_R_free_Blow_DPI          ? 
_refine.ls_redundancy_reflns_obs                 ? 
_refine.overall_SU_R_free                        ? 
_refine.ls_wR_factor_R_free                      ? 
_refine.ls_wR_factor_R_work                      ? 
_refine.overall_FOM_free_R_set                   ? 
_refine.overall_FOM_work_R_set                   ? 
# 
_refine_hist.pdbx_refine_id                   'X-RAY DIFFRACTION' 
_refine_hist.cycle_id                         LAST 
_refine_hist.pdbx_number_atoms_protein        52 
_refine_hist.pdbx_number_atoms_nucleic_acid   161 
_refine_hist.pdbx_number_atoms_ligand         24 
_refine_hist.number_atoms_solvent             0 
_refine_hist.number_atoms_total               237 
_refine_hist.d_res_high                       2.00 
_refine_hist.d_res_low                        10.00 
# 
_struct.entry_id                  1VS2 
_struct.title                     
'Interactions of quinoxaline antibiotic and DNA: the molecular structure of a TRIOSTIN A-D(GCGTACGC) complex' 
_struct.pdbx_model_details        ? 
_struct.pdbx_CASP_flag            ? 
_struct.pdbx_model_type_details   ? 
# 
_struct_keywords.entry_id        1VS2 
_struct_keywords.pdbx_keywords   DNA/ANTIBIOTIC 
_struct_keywords.text            'BISINTERCALATOR, DESIPEPTIDE, QUINOXALINE, ANTIBIOTIC, ANTITUMOR, DNA-ANTIBIOTIC COMPLEX' 
# 
loop_
_struct_asym.id 
_struct_asym.pdbx_blank_PDB_chainid_flag 
_struct_asym.pdbx_modified 
_struct_asym.entity_id 
_struct_asym.details 
A N N 1 ? 
B N N 2 ? 
C N N 3 ? 
D N N 3 ? 
# 
loop_
_struct_ref.id 
_struct_ref.db_name 
_struct_ref.db_code 
_struct_ref.entity_id 
_struct_ref.pdbx_seq_one_letter_code 
_struct_ref.pdbx_align_begin 
_struct_ref.pdbx_db_accession 
_struct_ref.pdbx_db_isoform 
1 PDB 1VS2     1 ? ? 1VS2     ? 
2 NOR NOR01129 2 ? ? NOR01129 ? 
# 
loop_
_struct_ref_seq.align_id 
_struct_ref_seq.ref_id 
_struct_ref_seq.pdbx_PDB_id_code 
_struct_ref_seq.pdbx_strand_id 
_struct_ref_seq.seq_align_beg 
_struct_ref_seq.pdbx_seq_align_beg_ins_code 
_struct_ref_seq.seq_align_end 
_struct_ref_seq.pdbx_seq_align_end_ins_code 
_struct_ref_seq.pdbx_db_accession 
_struct_ref_seq.db_align_beg 
_struct_ref_seq.pdbx_db_align_beg_ins_code 
_struct_ref_seq.db_align_end 
_struct_ref_seq.pdbx_db_align_end_ins_code 
_struct_ref_seq.pdbx_auth_seq_align_beg 
_struct_ref_seq.pdbx_auth_seq_align_end 
1 1 1VS2 A 1 ? 8 ? 1VS2     1 ? 8 ? 1 8 
2 2 1VS2 B 1 ? 8 ? NOR01129 1 ? 8 ? 1 8 
# 
_pdbx_struct_assembly.id                   1 
_pdbx_struct_assembly.details              software_defined_assembly 
_pdbx_struct_assembly.method_details       PISA 
_pdbx_struct_assembly.oligomeric_details   tetrameric 
_pdbx_struct_assembly.oligomeric_count     4 
# 
loop_
_pdbx_struct_assembly_prop.biol_id 
_pdbx_struct_assembly_prop.type 
_pdbx_struct_assembly_prop.value 
_pdbx_struct_assembly_prop.details 
1 'ABSA (A^2)' 790  ? 
1 MORE         -6.6 ? 
1 'SSA (A^2)'  3900 ? 
# 
_pdbx_struct_assembly_gen.assembly_id       1 
_pdbx_struct_assembly_gen.oper_expression   1,2 
_pdbx_struct_assembly_gen.asym_id_list      A,B,C,D 
# 
loop_
_pdbx_struct_oper_list.id 
_pdbx_struct_oper_list.type 
_pdbx_struct_oper_list.name 
_pdbx_struct_oper_list.symmetry_operation 
_pdbx_struct_oper_list.matrix[1][1] 
_pdbx_struct_oper_list.matrix[1][2] 
_pdbx_struct_oper_list.matrix[1][3] 
_pdbx_struct_oper_list.vector[1] 
_pdbx_struct_oper_list.matrix[2][1] 
_pdbx_struct_oper_list.matrix[2][2] 
_pdbx_struct_oper_list.matrix[2][3] 
_pdbx_struct_oper_list.vector[2] 
_pdbx_struct_oper_list.matrix[3][1] 
_pdbx_struct_oper_list.matrix[3][2] 
_pdbx_struct_oper_list.matrix[3][3] 
_pdbx_struct_oper_list.vector[3] 
1 'identity operation'         1_555 x,y,z      1.0000000000 0.0000000000 0.0000000000 0.0000000000  0.0000000000 1.0000000000  0.0000000000 0.0000000000  0.0000000000 0.0000000000 1.0000000000  0.0000000000   
2 'crystal symmetry operation' 9_555 -x,-x+y,-z 0.5454680853 0.4996485794 0.6729159420 -0.3119053453 0.4996485794 -0.8384640192 0.2175531787 17.9941228357 0.6729159420 0.2175531787 -0.7070040660 -12.6445186165 
# 
_struct_biol.id        1 
_struct_biol.details   ? 
# 
loop_
_struct_conn.id 
_struct_conn.conn_type_id 
_struct_conn.pdbx_leaving_atom_flag 
_struct_conn.pdbx_PDB_id 
_struct_conn.ptnr1_label_asym_id 
_struct_conn.ptnr1_label_comp_id 
_struct_conn.ptnr1_label_seq_id 
_struct_conn.ptnr1_label_atom_id 
_struct_conn.pdbx_ptnr1_label_alt_id 
_struct_conn.pdbx_ptnr1_PDB_ins_code 
_struct_conn.pdbx_ptnr1_standard_comp_id 
_struct_conn.ptnr1_symmetry 
_struct_conn.ptnr2_label_asym_id 
_struct_conn.ptnr2_label_comp_id 
_struct_conn.ptnr2_label_seq_id 
_struct_conn.ptnr2_label_atom_id 
_struct_conn.pdbx_ptnr2_label_alt_id 
_struct_conn.pdbx_ptnr2_PDB_ins_code 
_struct_conn.ptnr1_auth_asym_id 
_struct_conn.ptnr1_auth_comp_id 
_struct_conn.ptnr1_auth_seq_id 
_struct_conn.ptnr2_auth_asym_id 
_struct_conn.ptnr2_auth_comp_id 
_struct_conn.ptnr2_auth_seq_id 
_struct_conn.ptnr2_symmetry 
_struct_conn.pdbx_ptnr3_label_atom_id 
_struct_conn.pdbx_ptnr3_label_seq_id 
_struct_conn.pdbx_ptnr3_label_comp_id 
_struct_conn.pdbx_ptnr3_label_asym_id 
_struct_conn.pdbx_ptnr3_label_alt_id 
_struct_conn.pdbx_ptnr3_PDB_ins_code 
_struct_conn.details 
_struct_conn.pdbx_dist_value 
_struct_conn.pdbx_value_order 
_struct_conn.pdbx_role 
disulf1  disulf ?    ? B NCY 3 SG ? ? ? 1_555 B NCY 7 SG ? ? B NCY 3 B NCY 7 1_555 ? ? ? ? ? ? ?            1.980 ? ? 
covale1  covale both ? C QUI . C  ? ? ? 1_555 B DSN 1 N  ? ? B QUI 0 B DSN 1 1_555 ? ? ? ? ? ? ?            1.273 ? ? 
covale2  covale both ? B DSN 1 C  ? ? ? 1_555 B ALA 2 N  ? ? B DSN 1 B ALA 2 1_555 ? ? ? ? ? ? ?            1.442 ? ? 
covale3  covale one  ? B DSN 1 OG ? ? ? 1_555 B MVA 8 C  ? ? B DSN 1 B MVA 8 1_555 ? ? ? ? ? ? ?            1.491 ? ? 
covale4  covale both ? B ALA 2 C  ? ? ? 1_555 B NCY 3 N  ? ? B ALA 2 B NCY 3 1_555 ? ? ? ? ? ? ?            1.403 ? ? 
covale5  covale both ? B NCY 3 C  ? ? ? 1_555 B MVA 4 N  ? ? B NCY 3 B MVA 4 1_555 ? ? ? ? ? ? ?            1.416 ? ? 
covale6  covale one  ? B MVA 4 C  ? ? ? 1_555 B DSN 5 OG ? ? B MVA 4 B DSN 5 1_555 ? ? ? ? ? ? ?            1.508 ? ? 
covale7  covale both ? B DSN 5 C  ? ? ? 1_555 B ALA 6 N  ? ? B DSN 5 B ALA 6 1_555 ? ? ? ? ? ? ?            1.423 ? ? 
covale8  covale both ? B DSN 5 N  ? ? ? 1_555 D QUI . C  ? ? B DSN 5 B QUI 9 1_555 ? ? ? ? ? ? ?            1.351 ? ? 
covale9  covale both ? B ALA 6 C  ? ? ? 1_555 B NCY 7 N  ? ? B ALA 6 B NCY 7 1_555 ? ? ? ? ? ? ?            1.400 ? ? 
covale10 covale both ? B NCY 7 C  ? ? ? 1_555 B MVA 8 N  ? ? B NCY 7 B MVA 8 1_555 ? ? ? ? ? ? ?            1.418 ? ? 
hydrog1  hydrog ?    ? A DG  1 O6 ? ? ? 1_555 A DC  8 N4 ? ? A DG  1 A DC  8 9_555 ? ? ? ? ? ? 'DG-DC PAIR' ?     ? ? 
hydrog2  hydrog ?    ? A DC  2 N3 ? ? ? 1_555 A DG  7 N1 ? ? A DC  2 A DG  7 9_555 ? ? ? ? ? ? WATSON-CRICK ?     ? ? 
hydrog3  hydrog ?    ? A DC  2 N4 ? ? ? 1_555 A DG  7 O6 ? ? A DC  2 A DG  7 9_555 ? ? ? ? ? ? WATSON-CRICK ?     ? ? 
hydrog4  hydrog ?    ? A DC  2 O2 ? ? ? 1_555 A DG  7 N2 ? ? A DC  2 A DG  7 9_555 ? ? ? ? ? ? WATSON-CRICK ?     ? ? 
hydrog5  hydrog ?    ? A DG  3 N1 ? ? ? 1_555 A DC  6 N3 ? ? A DG  3 A DC  6 9_555 ? ? ? ? ? ? WATSON-CRICK ?     ? ? 
hydrog6  hydrog ?    ? A DG  3 N2 ? ? ? 1_555 A DC  6 O2 ? ? A DG  3 A DC  6 9_555 ? ? ? ? ? ? WATSON-CRICK ?     ? ? 
hydrog7  hydrog ?    ? A DG  3 O6 ? ? ? 1_555 A DC  6 N4 ? ? A DG  3 A DC  6 9_555 ? ? ? ? ? ? WATSON-CRICK ?     ? ? 
hydrog8  hydrog ?    ? A DT  4 N3 ? ? ? 1_555 A DA  5 N7 ? ? A DT  4 A DA  5 9_555 ? ? ? ? ? ? HOOGSTEEN    ?     ? ? 
hydrog9  hydrog ?    ? A DT  4 O4 ? ? ? 1_555 A DA  5 N6 ? ? A DT  4 A DA  5 9_555 ? ? ? ? ? ? HOOGSTEEN    ?     ? ? 
hydrog10 hydrog ?    ? A DA  5 N6 ? ? ? 1_555 A DT  4 O4 ? ? A DA  5 A DT  4 9_555 ? ? ? ? ? ? HOOGSTEEN    ?     ? ? 
hydrog11 hydrog ?    ? A DA  5 N7 ? ? ? 1_555 A DT  4 N3 ? ? A DA  5 A DT  4 9_555 ? ? ? ? ? ? HOOGSTEEN    ?     ? ? 
hydrog12 hydrog ?    ? A DC  6 N3 ? ? ? 1_555 A DG  3 N1 ? ? A DC  6 A DG  3 9_555 ? ? ? ? ? ? WATSON-CRICK ?     ? ? 
hydrog13 hydrog ?    ? A DC  6 N4 ? ? ? 1_555 A DG  3 O6 ? ? A DC  6 A DG  3 9_555 ? ? ? ? ? ? WATSON-CRICK ?     ? ? 
hydrog14 hydrog ?    ? A DC  6 O2 ? ? ? 1_555 A DG  3 N2 ? ? A DC  6 A DG  3 9_555 ? ? ? ? ? ? WATSON-CRICK ?     ? ? 
hydrog15 hydrog ?    ? A DG  7 N1 ? ? ? 1_555 A DC  2 N3 ? ? A DG  7 A DC  2 9_555 ? ? ? ? ? ? WATSON-CRICK ?     ? ? 
hydrog16 hydrog ?    ? A DG  7 N2 ? ? ? 1_555 A DC  2 O2 ? ? A DG  7 A DC  2 9_555 ? ? ? ? ? ? WATSON-CRICK ?     ? ? 
hydrog17 hydrog ?    ? A DG  7 O6 ? ? ? 1_555 A DC  2 N4 ? ? A DG  7 A DC  2 9_555 ? ? ? ? ? ? WATSON-CRICK ?     ? ? 
hydrog18 hydrog ?    ? A DC  8 N4 ? ? ? 1_555 A DG  1 O6 ? ? A DC  8 A DG  1 9_555 ? ? ? ? ? ? 'DC-DG PAIR' ?     ? ? 
# 
loop_
_struct_conn_type.id 
_struct_conn_type.criteria 
_struct_conn_type.reference 
disulf ? ? 
covale ? ? 
hydrog ? ? 
# 
loop_
_struct_site.id 
_struct_site.pdbx_evidence_code 
_struct_site.pdbx_auth_asym_id 
_struct_site.pdbx_auth_comp_id 
_struct_site.pdbx_auth_seq_id 
_struct_site.pdbx_auth_ins_code 
_struct_site.pdbx_num_residues 
_struct_site.details 
AC1 Software ? ? ? ? 8 'BINDING SITE FOR CHAIN B OF TRIOSTIN A' 
1   ?        ? ? ? ? ? ?                                        
# 
loop_
_struct_site_gen.id 
_struct_site_gen.site_id 
_struct_site_gen.pdbx_num_res 
_struct_site_gen.label_comp_id 
_struct_site_gen.label_asym_id 
_struct_site_gen.label_seq_id 
_struct_site_gen.pdbx_auth_ins_code 
_struct_site_gen.auth_comp_id 
_struct_site_gen.auth_asym_id 
_struct_site_gen.auth_seq_id 
_struct_site_gen.label_atom_id 
_struct_site_gen.label_alt_id 
_struct_site_gen.symmetry 
_struct_site_gen.details 
1 AC1 8 DG A 1 ? DG A 1 . ? 1_555 ? 
2 AC1 8 DC A 2 ? DC A 2 . ? 1_555 ? 
3 AC1 8 DG A 3 ? DG A 3 . ? 1_555 ? 
4 AC1 8 DT A 4 ? DT A 4 . ? 1_555 ? 
5 AC1 8 DA A 5 ? DA A 5 . ? 1_555 ? 
6 AC1 8 DC A 6 ? DC A 6 . ? 1_555 ? 
7 AC1 8 DG A 7 ? DG A 7 . ? 1_555 ? 
8 AC1 8 DC A 8 ? DC A 8 . ? 1_555 ? 
# 
loop_
_pdbx_validate_rmsd_bond.id 
_pdbx_validate_rmsd_bond.PDB_model_num 
_pdbx_validate_rmsd_bond.auth_atom_id_1 
_pdbx_validate_rmsd_bond.auth_asym_id_1 
_pdbx_validate_rmsd_bond.auth_comp_id_1 
_pdbx_validate_rmsd_bond.auth_seq_id_1 
_pdbx_validate_rmsd_bond.PDB_ins_code_1 
_pdbx_validate_rmsd_bond.label_alt_id_1 
_pdbx_validate_rmsd_bond.auth_atom_id_2 
_pdbx_validate_rmsd_bond.auth_asym_id_2 
_pdbx_validate_rmsd_bond.auth_comp_id_2 
_pdbx_validate_rmsd_bond.auth_seq_id_2 
_pdbx_validate_rmsd_bond.PDB_ins_code_2 
_pdbx_validate_rmsd_bond.label_alt_id_2 
_pdbx_validate_rmsd_bond.bond_value 
_pdbx_validate_rmsd_bond.bond_target_value 
_pdbx_validate_rmsd_bond.bond_deviation 
_pdbx_validate_rmsd_bond.bond_standard_deviation 
_pdbx_validate_rmsd_bond.linker_flag 
1  1 "C3'" A DG  1 ? ? "C2'" A DG  1 ? ? 1.467 1.516 -0.049 0.008 N 
2  1 C6    A DG  1 ? ? N1    A DG  1 ? ? 1.334 1.391 -0.057 0.007 N 
3  1 C2    A DG  1 ? ? N2    A DG  1 ? ? 1.238 1.341 -0.103 0.010 N 
4  1 P     A DC  2 ? ? "O5'" A DC  2 ? ? 1.663 1.593 0.070  0.010 N 
5  1 P     A DG  3 ? ? "O5'" A DG  3 ? ? 1.685 1.593 0.092  0.010 N 
6  1 "C4'" A DG  3 ? ? "C3'" A DG  3 ? ? 1.592 1.529 0.063  0.010 N 
7  1 "C2'" A DG  3 ? ? "C1'" A DG  3 ? ? 1.596 1.519 0.077  0.010 N 
8  1 C6    A DG  3 ? ? N1    A DG  3 ? ? 1.331 1.391 -0.060 0.007 N 
9  1 C2    A DG  3 ? ? N2    A DG  3 ? ? 1.237 1.341 -0.104 0.010 N 
10 1 C5    A DT  4 ? ? C7    A DT  4 ? ? 1.621 1.496 0.125  0.006 N 
11 1 P     A DA  5 ? ? "O5'" A DA  5 ? ? 1.656 1.593 0.063  0.010 N 
12 1 "C2'" A DA  5 ? ? "C1'" A DA  5 ? ? 1.579 1.519 0.060  0.010 N 
13 1 "C2'" A DC  6 ? ? "C1'" A DC  6 ? ? 1.593 1.519 0.074  0.010 N 
14 1 "O4'" A DG  7 ? ? "C1'" A DG  7 ? ? 1.499 1.420 0.079  0.011 N 
15 1 C6    A DG  7 ? ? N1    A DG  7 ? ? 1.317 1.391 -0.074 0.007 N 
16 1 C2    A DG  7 ? ? N2    A DG  7 ? ? 1.240 1.341 -0.101 0.010 N 
17 1 CB    B DSN 5 ? ? OG    B DSN 5 ? ? 1.540 1.418 0.122  0.013 N 
# 
loop_
_pdbx_validate_rmsd_angle.id 
_pdbx_validate_rmsd_angle.PDB_model_num 
_pdbx_validate_rmsd_angle.auth_atom_id_1 
_pdbx_validate_rmsd_angle.auth_asym_id_1 
_pdbx_validate_rmsd_angle.auth_comp_id_1 
_pdbx_validate_rmsd_angle.auth_seq_id_1 
_pdbx_validate_rmsd_angle.PDB_ins_code_1 
_pdbx_validate_rmsd_angle.label_alt_id_1 
_pdbx_validate_rmsd_angle.auth_atom_id_2 
_pdbx_validate_rmsd_angle.auth_asym_id_2 
_pdbx_validate_rmsd_angle.auth_comp_id_2 
_pdbx_validate_rmsd_angle.auth_seq_id_2 
_pdbx_validate_rmsd_angle.PDB_ins_code_2 
_pdbx_validate_rmsd_angle.label_alt_id_2 
_pdbx_validate_rmsd_angle.auth_atom_id_3 
_pdbx_validate_rmsd_angle.auth_asym_id_3 
_pdbx_validate_rmsd_angle.auth_comp_id_3 
_pdbx_validate_rmsd_angle.auth_seq_id_3 
_pdbx_validate_rmsd_angle.PDB_ins_code_3 
_pdbx_validate_rmsd_angle.label_alt_id_3 
_pdbx_validate_rmsd_angle.angle_value 
_pdbx_validate_rmsd_angle.angle_target_value 
_pdbx_validate_rmsd_angle.angle_deviation 
_pdbx_validate_rmsd_angle.angle_standard_deviation 
_pdbx_validate_rmsd_angle.linker_flag 
1  1 "C1'" A DG  1 ? ? "O4'" A DG  1 ? ? "C4'" A DG  1 ? ? 115.58 110.30 5.28   0.70 N 
2  1 "O4'" A DG  1 ? ? "C1'" A DG  1 ? ? N9    A DG  1 ? ? 110.19 108.30 1.89   0.30 N 
3  1 C6    A DG  1 ? ? N1    A DG  1 ? ? C2    A DG  1 ? ? 117.35 125.10 -7.75  0.60 N 
4  1 N1    A DG  1 ? ? C2    A DG  1 ? ? N3    A DG  1 ? ? 129.48 123.90 5.58   0.60 N 
5  1 C5    A DG  1 ? ? C6    A DG  1 ? ? N1    A DG  1 ? ? 118.91 111.50 7.41   0.50 N 
6  1 C4    A DG  1 ? ? C5    A DG  1 ? ? N7    A DG  1 ? ? 113.41 110.80 2.61   0.40 N 
7  1 N1    A DG  1 ? ? C2    A DG  1 ? ? N2    A DG  1 ? ? 121.76 116.20 5.56   0.90 N 
8  1 N3    A DG  1 ? ? C2    A DG  1 ? ? N2    A DG  1 ? ? 108.75 119.90 -11.15 0.70 N 
9  1 C5    A DG  1 ? ? C6    A DG  1 ? ? O6    A DG  1 ? ? 120.45 128.60 -8.15  0.60 N 
10 1 "O5'" A DC  2 ? ? P     A DC  2 ? ? OP2   A DC  2 ? ? 94.18  105.70 -11.52 0.90 N 
11 1 "O4'" A DC  2 ? ? "C1'" A DC  2 ? ? N1    A DC  2 ? ? 98.97  108.00 -9.03  0.70 N 
12 1 C2    A DC  2 ? ? N3    A DC  2 ? ? C4    A DC  2 ? ? 124.55 119.90 4.65   0.50 N 
13 1 N3    A DC  2 ? ? C4    A DC  2 ? ? C5    A DC  2 ? ? 117.48 121.90 -4.42  0.40 N 
14 1 N3    A DC  2 ? ? C4    A DC  2 ? ? N4    A DC  2 ? ? 122.25 118.00 4.25   0.70 N 
15 1 "C3'" A DC  2 ? ? "O3'" A DC  2 ? ? P     A DG  3 ? ? 111.77 119.70 -7.93  1.20 Y 
16 1 "O5'" A DG  3 ? ? P     A DG  3 ? ? OP2   A DG  3 ? ? 99.71  105.70 -5.99  0.90 N 
17 1 P     A DG  3 ? ? "O5'" A DG  3 ? ? "C5'" A DG  3 ? ? 106.18 120.90 -14.72 1.60 N 
18 1 "O4'" A DG  3 ? ? "C4'" A DG  3 ? ? "C3'" A DG  3 ? ? 97.47  104.50 -7.03  0.40 N 
19 1 "C1'" A DG  3 ? ? "O4'" A DG  3 ? ? "C4'" A DG  3 ? ? 116.42 110.30 6.12   0.70 N 
20 1 "O4'" A DG  3 ? ? "C1'" A DG  3 ? ? "C2'" A DG  3 ? ? 100.63 105.90 -5.27  0.80 N 
21 1 "O4'" A DG  3 ? ? "C1'" A DG  3 ? ? N9    A DG  3 ? ? 120.91 108.30 12.61  0.30 N 
22 1 C6    A DG  3 ? ? N1    A DG  3 ? ? C2    A DG  3 ? ? 119.30 125.10 -5.80  0.60 N 
23 1 N1    A DG  3 ? ? C2    A DG  3 ? ? N3    A DG  3 ? ? 127.79 123.90 3.89   0.60 N 
24 1 C5    A DG  3 ? ? C6    A DG  3 ? ? N1    A DG  3 ? ? 117.76 111.50 6.26   0.50 N 
25 1 N3    A DG  3 ? ? C2    A DG  3 ? ? N2    A DG  3 ? ? 111.40 119.90 -8.50  0.70 N 
26 1 C5    A DG  3 ? ? C6    A DG  3 ? ? O6    A DG  3 ? ? 120.89 128.60 -7.71  0.60 N 
27 1 P     A DT  4 ? ? "O5'" A DT  4 ? ? "C5'" A DT  4 ? ? 102.81 120.90 -18.09 1.60 N 
28 1 C6    A DT  4 ? ? N1    A DT  4 ? ? C2    A DT  4 ? ? 118.21 121.30 -3.09  0.50 N 
29 1 N1    A DT  4 ? ? C2    A DT  4 ? ? N3    A DT  4 ? ? 118.76 114.60 4.16   0.60 N 
30 1 C2    A DT  4 ? ? N3    A DT  4 ? ? C4    A DT  4 ? ? 121.79 127.20 -5.41  0.60 N 
31 1 N3    A DT  4 ? ? C4    A DT  4 ? ? C5    A DT  4 ? ? 122.33 115.20 7.13   0.60 N 
32 1 C4    A DT  4 ? ? C5    A DT  4 ? ? C6    A DT  4 ? ? 109.70 118.00 -8.30  0.60 N 
33 1 C5    A DT  4 ? ? C6    A DT  4 ? ? N1    A DT  4 ? ? 129.19 123.70 5.49   0.60 N 
34 1 N3    A DT  4 ? ? C2    A DT  4 ? ? O2    A DT  4 ? ? 117.89 122.30 -4.41  0.60 N 
35 1 N3    A DT  4 ? ? C4    A DT  4 ? ? O4    A DT  4 ? ? 114.67 119.90 -5.23  0.60 N 
36 1 C4    A DT  4 ? ? C5    A DT  4 ? ? C7    A DT  4 ? ? 123.55 119.00 4.55   0.60 N 
37 1 C6    A DT  4 ? ? C5    A DT  4 ? ? C7    A DT  4 ? ? 126.74 122.90 3.84   0.60 N 
38 1 "O5'" A DA  5 ? ? P     A DA  5 ? ? OP1   A DA  5 ? ? 97.51  105.70 -8.19  0.90 N 
39 1 P     A DA  5 ? ? "O5'" A DA  5 ? ? "C5'" A DA  5 ? ? 108.78 120.90 -12.12 1.60 N 
40 1 "O4'" A DA  5 ? ? "C1'" A DA  5 ? ? N9    A DA  5 ? ? 115.90 108.30 7.60   0.30 N 
41 1 "C3'" A DA  5 ? ? "O3'" A DA  5 ? ? P     A DC  6 ? ? 132.50 119.70 12.80  1.20 Y 
42 1 "O5'" A DC  6 ? ? P     A DC  6 ? ? OP1   A DC  6 ? ? 99.91  105.70 -5.79  0.90 N 
43 1 "O4'" A DC  6 ? ? "C1'" A DC  6 ? ? N1    A DC  6 ? ? 115.02 108.30 6.72   0.30 N 
44 1 C2    A DC  6 ? ? N3    A DC  6 ? ? C4    A DC  6 ? ? 125.18 119.90 5.28   0.50 N 
45 1 N3    A DC  6 ? ? C4    A DC  6 ? ? C5    A DC  6 ? ? 116.72 121.90 -5.18  0.40 N 
46 1 C5    A DC  6 ? ? C6    A DC  6 ? ? N1    A DC  6 ? ? 125.66 121.00 4.66   0.50 N 
47 1 N1    A DC  6 ? ? C2    A DC  6 ? ? O2    A DC  6 ? ? 125.76 118.90 6.86   0.60 N 
48 1 N3    A DC  6 ? ? C4    A DC  6 ? ? N4    A DC  6 ? ? 123.05 118.00 5.05   0.70 N 
49 1 "C3'" A DC  6 ? ? "O3'" A DC  6 ? ? P     A DG  7 ? ? 136.14 119.70 16.44  1.20 Y 
50 1 "O4'" A DG  7 ? ? "C4'" A DG  7 ? ? "C3'" A DG  7 ? ? 98.17  104.50 -6.33  0.40 N 
51 1 "C1'" A DG  7 ? ? "O4'" A DG  7 ? ? "C4'" A DG  7 ? ? 98.54  110.10 -11.56 1.00 N 
52 1 "C4'" A DG  7 ? ? "C3'" A DG  7 ? ? "C2'" A DG  7 ? ? 93.04  102.20 -9.16  0.70 N 
53 1 N9    A DG  7 ? ? "C1'" A DG  7 ? ? "C2'" A DG  7 ? ? 126.57 114.30 12.27  1.40 N 
54 1 C6    A DG  7 ? ? N1    A DG  7 ? ? C2    A DG  7 ? ? 120.31 125.10 -4.79  0.60 N 
55 1 N1    A DG  7 ? ? C2    A DG  7 ? ? N3    A DG  7 ? ? 128.74 123.90 4.84   0.60 N 
56 1 C2    A DG  7 ? ? N3    A DG  7 ? ? C4    A DG  7 ? ? 108.77 111.90 -3.13  0.50 N 
57 1 C5    A DG  7 ? ? C6    A DG  7 ? ? N1    A DG  7 ? ? 116.90 111.50 5.40   0.50 N 
58 1 N1    A DG  7 ? ? C2    A DG  7 ? ? N2    A DG  7 ? ? 122.73 116.20 6.53   0.90 N 
59 1 N3    A DG  7 ? ? C2    A DG  7 ? ? N2    A DG  7 ? ? 108.53 119.90 -11.37 0.70 N 
60 1 C5    A DG  7 ? ? C6    A DG  7 ? ? O6    A DG  7 ? ? 122.43 128.60 -6.17  0.60 N 
61 1 "C3'" A DG  7 ? ? "O3'" A DG  7 ? ? P     A DC  8 ? ? 134.82 119.70 15.12  1.20 Y 
62 1 P     A DC  8 ? ? "O5'" A DC  8 ? ? "C5'" A DC  8 ? ? 103.72 120.90 -17.18 1.60 N 
63 1 "O4'" A DC  8 ? ? "C1'" A DC  8 ? ? "C2'" A DC  8 ? ? 100.38 105.90 -5.52  0.80 N 
64 1 C2    A DC  8 ? ? N3    A DC  8 ? ? C4    A DC  8 ? ? 124.56 119.90 4.66   0.50 N 
65 1 N3    A DC  8 ? ? C4    A DC  8 ? ? C5    A DC  8 ? ? 117.74 121.90 -4.16  0.40 N 
66 1 C5    A DC  8 ? ? C6    A DC  8 ? ? N1    A DC  8 ? ? 124.80 121.00 3.80   0.50 N 
67 1 N1    A DC  8 ? ? C2    A DC  8 ? ? O2    A DC  8 ? ? 126.52 118.90 7.62   0.60 N 
68 1 N3    A DC  8 ? ? C2    A DC  8 ? ? O2    A DC  8 ? ? 116.99 121.90 -4.91  0.70 N 
69 1 C5    A DC  8 ? ? C4    A DC  8 ? ? N4    A DC  8 ? ? 125.38 120.20 5.18   0.70 N 
70 1 CB    B DSN 1 ? ? CA    B DSN 1 ? ? C     B DSN 1 ? ? 125.58 110.10 15.48  1.90 N 
71 1 N     B DSN 1 ? ? CA    B DSN 1 ? ? CB    B DSN 1 ? ? 100.19 110.50 -10.31 1.50 N 
72 1 N     B ALA 2 ? ? CA    B ALA 2 ? ? CB    B ALA 2 ? ? 118.54 110.10 8.44   1.40 N 
73 1 O     B ALA 2 ? ? C     B ALA 2 ? ? N     B NCY 3 ? ? 139.06 122.70 16.36  1.60 Y 
74 1 CB    B ALA 6 ? ? CA    B ALA 6 ? ? C     B ALA 6 ? ? 100.25 110.10 -9.85  1.50 N 
# 
_pdbx_molecule_features.prd_id    PRD_000488 
_pdbx_molecule_features.name      'TRIOSTIN A' 
_pdbx_molecule_features.type      'Cyclic depsipeptide' 
_pdbx_molecule_features.class     Anticancer 
_pdbx_molecule_features.details   
;TRIOSTIN IS A BICYCLIC OCTADEPSIPEPTIDE.              
 BICYCLIZATION IS ACHIEVED BY LINKING THE N- AND       
 THE C- TERMINI, AND A DISULPHIDE BOND BETWEEN         
 RESIDUES 3 AND 7.                                     
 THE TWO QUINOXALINE CHROMOPHORES ARE LINKED           
 TO THE D-SERINE RESIDUES, RESIDUES 1 AND 5.
;
# 
loop_
_pdbx_molecule.instance_id 
_pdbx_molecule.prd_id 
_pdbx_molecule.asym_id 
1 PRD_000488 B 
1 PRD_000488 C 
1 PRD_000488 D 
# 
_struct_site_keywords.site_id   1 
_struct_site_keywords.text      BIS-INTERCALATION 
# 
_refine_B_iso.class            'ALL ATOMS' 
_refine_B_iso.details          TR 
_refine_B_iso.treatment        isotropic 
_refine_B_iso.pdbx_refine_id   'X-RAY DIFFRACTION' 
# 
_refine_occupancy.class            'ALL ATOMS' 
_refine_occupancy.treatment        fix 
_refine_occupancy.pdbx_refine_id   'X-RAY DIFFRACTION' 
# 
_pdbx_entry_details.entry_id                 1VS2 
_pdbx_entry_details.compound_details         
;TRIOSTIN IS A BICYCLIC OCTADEPSIPEPTIDE, A MEMBER                    
 OF THE QUINOXALINE CLASS OF ANTIBIOTICS.                             
 HERE, TRIOSTIN IS REPRESENTED BY GROUPING TOGETHER THE                
 SEQUENCE (SEQRES) AND THE TWO LIGANDS (HET) QUI
;
_pdbx_entry_details.source_details           ? 
_pdbx_entry_details.nonpolymer_details       ? 
_pdbx_entry_details.sequence_details         ? 
_pdbx_entry_details.has_ligand_of_interest   ? 
# 
loop_
_chem_comp_atom.comp_id 
_chem_comp_atom.atom_id 
_chem_comp_atom.type_symbol 
_chem_comp_atom.pdbx_aromatic_flag 
_chem_comp_atom.pdbx_stereo_config 
_chem_comp_atom.pdbx_ordinal 
ALA N      N N N 1   
ALA CA     C N S 2   
ALA C      C N N 3   
ALA O      O N N 4   
ALA CB     C N N 5   
ALA OXT    O N N 6   
ALA H      H N N 7   
ALA H2     H N N 8   
ALA HA     H N N 9   
ALA HB1    H N N 10  
ALA HB2    H N N 11  
ALA HB3    H N N 12  
ALA HXT    H N N 13  
DA  OP3    O N N 14  
DA  P      P N N 15  
DA  OP1    O N N 16  
DA  OP2    O N N 17  
DA  "O5'"  O N N 18  
DA  "C5'"  C N N 19  
DA  "C4'"  C N R 20  
DA  "O4'"  O N N 21  
DA  "C3'"  C N S 22  
DA  "O3'"  O N N 23  
DA  "C2'"  C N N 24  
DA  "C1'"  C N R 25  
DA  N9     N Y N 26  
DA  C8     C Y N 27  
DA  N7     N Y N 28  
DA  C5     C Y N 29  
DA  C6     C Y N 30  
DA  N6     N N N 31  
DA  N1     N Y N 32  
DA  C2     C Y N 33  
DA  N3     N Y N 34  
DA  C4     C Y N 35  
DA  HOP3   H N N 36  
DA  HOP2   H N N 37  
DA  "H5'"  H N N 38  
DA  "H5''" H N N 39  
DA  "H4'"  H N N 40  
DA  "H3'"  H N N 41  
DA  "HO3'" H N N 42  
DA  "H2'"  H N N 43  
DA  "H2''" H N N 44  
DA  "H1'"  H N N 45  
DA  H8     H N N 46  
DA  H61    H N N 47  
DA  H62    H N N 48  
DA  H2     H N N 49  
DC  OP3    O N N 50  
DC  P      P N N 51  
DC  OP1    O N N 52  
DC  OP2    O N N 53  
DC  "O5'"  O N N 54  
DC  "C5'"  C N N 55  
DC  "C4'"  C N R 56  
DC  "O4'"  O N N 57  
DC  "C3'"  C N S 58  
DC  "O3'"  O N N 59  
DC  "C2'"  C N N 60  
DC  "C1'"  C N R 61  
DC  N1     N N N 62  
DC  C2     C N N 63  
DC  O2     O N N 64  
DC  N3     N N N 65  
DC  C4     C N N 66  
DC  N4     N N N 67  
DC  C5     C N N 68  
DC  C6     C N N 69  
DC  HOP3   H N N 70  
DC  HOP2   H N N 71  
DC  "H5'"  H N N 72  
DC  "H5''" H N N 73  
DC  "H4'"  H N N 74  
DC  "H3'"  H N N 75  
DC  "HO3'" H N N 76  
DC  "H2'"  H N N 77  
DC  "H2''" H N N 78  
DC  "H1'"  H N N 79  
DC  H41    H N N 80  
DC  H42    H N N 81  
DC  H5     H N N 82  
DC  H6     H N N 83  
DG  OP3    O N N 84  
DG  P      P N N 85  
DG  OP1    O N N 86  
DG  OP2    O N N 87  
DG  "O5'"  O N N 88  
DG  "C5'"  C N N 89  
DG  "C4'"  C N R 90  
DG  "O4'"  O N N 91  
DG  "C3'"  C N S 92  
DG  "O3'"  O N N 93  
DG  "C2'"  C N N 94  
DG  "C1'"  C N R 95  
DG  N9     N Y N 96  
DG  C8     C Y N 97  
DG  N7     N Y N 98  
DG  C5     C Y N 99  
DG  C6     C N N 100 
DG  O6     O N N 101 
DG  N1     N N N 102 
DG  C2     C N N 103 
DG  N2     N N N 104 
DG  N3     N N N 105 
DG  C4     C Y N 106 
DG  HOP3   H N N 107 
DG  HOP2   H N N 108 
DG  "H5'"  H N N 109 
DG  "H5''" H N N 110 
DG  "H4'"  H N N 111 
DG  "H3'"  H N N 112 
DG  "HO3'" H N N 113 
DG  "H2'"  H N N 114 
DG  "H2''" H N N 115 
DG  "H1'"  H N N 116 
DG  H8     H N N 117 
DG  H1     H N N 118 
DG  H21    H N N 119 
DG  H22    H N N 120 
DSN N      N N N 121 
DSN CA     C N R 122 
DSN C      C N N 123 
DSN O      O N N 124 
DSN OXT    O N N 125 
DSN CB     C N N 126 
DSN OG     O N N 127 
DSN H      H N N 128 
DSN H2     H N N 129 
DSN HA     H N N 130 
DSN HXT    H N N 131 
DSN HB2    H N N 132 
DSN HB3    H N N 133 
DSN HG     H N N 134 
DT  OP3    O N N 135 
DT  P      P N N 136 
DT  OP1    O N N 137 
DT  OP2    O N N 138 
DT  "O5'"  O N N 139 
DT  "C5'"  C N N 140 
DT  "C4'"  C N R 141 
DT  "O4'"  O N N 142 
DT  "C3'"  C N S 143 
DT  "O3'"  O N N 144 
DT  "C2'"  C N N 145 
DT  "C1'"  C N R 146 
DT  N1     N N N 147 
DT  C2     C N N 148 
DT  O2     O N N 149 
DT  N3     N N N 150 
DT  C4     C N N 151 
DT  O4     O N N 152 
DT  C5     C N N 153 
DT  C7     C N N 154 
DT  C6     C N N 155 
DT  HOP3   H N N 156 
DT  HOP2   H N N 157 
DT  "H5'"  H N N 158 
DT  "H5''" H N N 159 
DT  "H4'"  H N N 160 
DT  "H3'"  H N N 161 
DT  "HO3'" H N N 162 
DT  "H2'"  H N N 163 
DT  "H2''" H N N 164 
DT  "H1'"  H N N 165 
DT  H3     H N N 166 
DT  H71    H N N 167 
DT  H72    H N N 168 
DT  H73    H N N 169 
DT  H6     H N N 170 
MVA N      N N N 171 
MVA CN     C N N 172 
MVA CA     C N S 173 
MVA CB     C N N 174 
MVA CG1    C N N 175 
MVA CG2    C N N 176 
MVA C      C N N 177 
MVA O      O N N 178 
MVA OXT    O N N 179 
MVA H      H N N 180 
MVA HN1    H N N 181 
MVA HN2    H N N 182 
MVA HN3    H N N 183 
MVA HA     H N N 184 
MVA HB     H N N 185 
MVA HG11   H N N 186 
MVA HG12   H N N 187 
MVA HG13   H N N 188 
MVA HG21   H N N 189 
MVA HG22   H N N 190 
MVA HG23   H N N 191 
MVA HXT    H N N 192 
NCY N      N N N 193 
NCY CA     C N R 194 
NCY CB     C N N 195 
NCY SG     S N N 196 
NCY CN     C N N 197 
NCY C      C N N 198 
NCY O      O N N 199 
NCY OXT    O N N 200 
NCY H      H N N 201 
NCY HA     H N N 202 
NCY HB2    H N N 203 
NCY HB3    H N N 204 
NCY HG     H N N 205 
NCY HCN1   H N N 206 
NCY HCN2   H N N 207 
NCY HCN3   H N N 208 
NCY HXT    H N N 209 
QUI N1     N Y N 210 
QUI C2     C Y N 211 
QUI C3     C Y N 212 
QUI N4     N Y N 213 
QUI C5     C Y N 214 
QUI C6     C Y N 215 
QUI C7     C Y N 216 
QUI C8     C Y N 217 
QUI C9     C Y N 218 
QUI C10    C Y N 219 
QUI C      C N N 220 
QUI O1     O N N 221 
QUI O2     O N N 222 
QUI H3     H N N 223 
QUI H5     H N N 224 
QUI H6     H N N 225 
QUI H7     H N N 226 
QUI H8     H N N 227 
QUI HO2    H N N 228 
# 
loop_
_chem_comp_bond.comp_id 
_chem_comp_bond.atom_id_1 
_chem_comp_bond.atom_id_2 
_chem_comp_bond.value_order 
_chem_comp_bond.pdbx_aromatic_flag 
_chem_comp_bond.pdbx_stereo_config 
_chem_comp_bond.pdbx_ordinal 
ALA N     CA     sing N N 1   
ALA N     H      sing N N 2   
ALA N     H2     sing N N 3   
ALA CA    C      sing N N 4   
ALA CA    CB     sing N N 5   
ALA CA    HA     sing N N 6   
ALA C     O      doub N N 7   
ALA C     OXT    sing N N 8   
ALA CB    HB1    sing N N 9   
ALA CB    HB2    sing N N 10  
ALA CB    HB3    sing N N 11  
ALA OXT   HXT    sing N N 12  
DA  OP3   P      sing N N 13  
DA  OP3   HOP3   sing N N 14  
DA  P     OP1    doub N N 15  
DA  P     OP2    sing N N 16  
DA  P     "O5'"  sing N N 17  
DA  OP2   HOP2   sing N N 18  
DA  "O5'" "C5'"  sing N N 19  
DA  "C5'" "C4'"  sing N N 20  
DA  "C5'" "H5'"  sing N N 21  
DA  "C5'" "H5''" sing N N 22  
DA  "C4'" "O4'"  sing N N 23  
DA  "C4'" "C3'"  sing N N 24  
DA  "C4'" "H4'"  sing N N 25  
DA  "O4'" "C1'"  sing N N 26  
DA  "C3'" "O3'"  sing N N 27  
DA  "C3'" "C2'"  sing N N 28  
DA  "C3'" "H3'"  sing N N 29  
DA  "O3'" "HO3'" sing N N 30  
DA  "C2'" "C1'"  sing N N 31  
DA  "C2'" "H2'"  sing N N 32  
DA  "C2'" "H2''" sing N N 33  
DA  "C1'" N9     sing N N 34  
DA  "C1'" "H1'"  sing N N 35  
DA  N9    C8     sing Y N 36  
DA  N9    C4     sing Y N 37  
DA  C8    N7     doub Y N 38  
DA  C8    H8     sing N N 39  
DA  N7    C5     sing Y N 40  
DA  C5    C6     sing Y N 41  
DA  C5    C4     doub Y N 42  
DA  C6    N6     sing N N 43  
DA  C6    N1     doub Y N 44  
DA  N6    H61    sing N N 45  
DA  N6    H62    sing N N 46  
DA  N1    C2     sing Y N 47  
DA  C2    N3     doub Y N 48  
DA  C2    H2     sing N N 49  
DA  N3    C4     sing Y N 50  
DC  OP3   P      sing N N 51  
DC  OP3   HOP3   sing N N 52  
DC  P     OP1    doub N N 53  
DC  P     OP2    sing N N 54  
DC  P     "O5'"  sing N N 55  
DC  OP2   HOP2   sing N N 56  
DC  "O5'" "C5'"  sing N N 57  
DC  "C5'" "C4'"  sing N N 58  
DC  "C5'" "H5'"  sing N N 59  
DC  "C5'" "H5''" sing N N 60  
DC  "C4'" "O4'"  sing N N 61  
DC  "C4'" "C3'"  sing N N 62  
DC  "C4'" "H4'"  sing N N 63  
DC  "O4'" "C1'"  sing N N 64  
DC  "C3'" "O3'"  sing N N 65  
DC  "C3'" "C2'"  sing N N 66  
DC  "C3'" "H3'"  sing N N 67  
DC  "O3'" "HO3'" sing N N 68  
DC  "C2'" "C1'"  sing N N 69  
DC  "C2'" "H2'"  sing N N 70  
DC  "C2'" "H2''" sing N N 71  
DC  "C1'" N1     sing N N 72  
DC  "C1'" "H1'"  sing N N 73  
DC  N1    C2     sing N N 74  
DC  N1    C6     sing N N 75  
DC  C2    O2     doub N N 76  
DC  C2    N3     sing N N 77  
DC  N3    C4     doub N N 78  
DC  C4    N4     sing N N 79  
DC  C4    C5     sing N N 80  
DC  N4    H41    sing N N 81  
DC  N4    H42    sing N N 82  
DC  C5    C6     doub N N 83  
DC  C5    H5     sing N N 84  
DC  C6    H6     sing N N 85  
DG  OP3   P      sing N N 86  
DG  OP3   HOP3   sing N N 87  
DG  P     OP1    doub N N 88  
DG  P     OP2    sing N N 89  
DG  P     "O5'"  sing N N 90  
DG  OP2   HOP2   sing N N 91  
DG  "O5'" "C5'"  sing N N 92  
DG  "C5'" "C4'"  sing N N 93  
DG  "C5'" "H5'"  sing N N 94  
DG  "C5'" "H5''" sing N N 95  
DG  "C4'" "O4'"  sing N N 96  
DG  "C4'" "C3'"  sing N N 97  
DG  "C4'" "H4'"  sing N N 98  
DG  "O4'" "C1'"  sing N N 99  
DG  "C3'" "O3'"  sing N N 100 
DG  "C3'" "C2'"  sing N N 101 
DG  "C3'" "H3'"  sing N N 102 
DG  "O3'" "HO3'" sing N N 103 
DG  "C2'" "C1'"  sing N N 104 
DG  "C2'" "H2'"  sing N N 105 
DG  "C2'" "H2''" sing N N 106 
DG  "C1'" N9     sing N N 107 
DG  "C1'" "H1'"  sing N N 108 
DG  N9    C8     sing Y N 109 
DG  N9    C4     sing Y N 110 
DG  C8    N7     doub Y N 111 
DG  C8    H8     sing N N 112 
DG  N7    C5     sing Y N 113 
DG  C5    C6     sing N N 114 
DG  C5    C4     doub Y N 115 
DG  C6    O6     doub N N 116 
DG  C6    N1     sing N N 117 
DG  N1    C2     sing N N 118 
DG  N1    H1     sing N N 119 
DG  C2    N2     sing N N 120 
DG  C2    N3     doub N N 121 
DG  N2    H21    sing N N 122 
DG  N2    H22    sing N N 123 
DG  N3    C4     sing N N 124 
DSN N     CA     sing N N 125 
DSN N     H      sing N N 126 
DSN N     H2     sing N N 127 
DSN CA    C      sing N N 128 
DSN CA    CB     sing N N 129 
DSN CA    HA     sing N N 130 
DSN C     O      doub N N 131 
DSN C     OXT    sing N N 132 
DSN OXT   HXT    sing N N 133 
DSN CB    OG     sing N N 134 
DSN CB    HB2    sing N N 135 
DSN CB    HB3    sing N N 136 
DSN OG    HG     sing N N 137 
DT  OP3   P      sing N N 138 
DT  OP3   HOP3   sing N N 139 
DT  P     OP1    doub N N 140 
DT  P     OP2    sing N N 141 
DT  P     "O5'"  sing N N 142 
DT  OP2   HOP2   sing N N 143 
DT  "O5'" "C5'"  sing N N 144 
DT  "C5'" "C4'"  sing N N 145 
DT  "C5'" "H5'"  sing N N 146 
DT  "C5'" "H5''" sing N N 147 
DT  "C4'" "O4'"  sing N N 148 
DT  "C4'" "C3'"  sing N N 149 
DT  "C4'" "H4'"  sing N N 150 
DT  "O4'" "C1'"  sing N N 151 
DT  "C3'" "O3'"  sing N N 152 
DT  "C3'" "C2'"  sing N N 153 
DT  "C3'" "H3'"  sing N N 154 
DT  "O3'" "HO3'" sing N N 155 
DT  "C2'" "C1'"  sing N N 156 
DT  "C2'" "H2'"  sing N N 157 
DT  "C2'" "H2''" sing N N 158 
DT  "C1'" N1     sing N N 159 
DT  "C1'" "H1'"  sing N N 160 
DT  N1    C2     sing N N 161 
DT  N1    C6     sing N N 162 
DT  C2    O2     doub N N 163 
DT  C2    N3     sing N N 164 
DT  N3    C4     sing N N 165 
DT  N3    H3     sing N N 166 
DT  C4    O4     doub N N 167 
DT  C4    C5     sing N N 168 
DT  C5    C7     sing N N 169 
DT  C5    C6     doub N N 170 
DT  C7    H71    sing N N 171 
DT  C7    H72    sing N N 172 
DT  C7    H73    sing N N 173 
DT  C6    H6     sing N N 174 
MVA N     CN     sing N N 175 
MVA N     CA     sing N N 176 
MVA N     H      sing N N 177 
MVA CN    HN1    sing N N 178 
MVA CN    HN2    sing N N 179 
MVA CN    HN3    sing N N 180 
MVA CA    CB     sing N N 181 
MVA CA    C      sing N N 182 
MVA CA    HA     sing N N 183 
MVA CB    CG1    sing N N 184 
MVA CB    CG2    sing N N 185 
MVA CB    HB     sing N N 186 
MVA CG1   HG11   sing N N 187 
MVA CG1   HG12   sing N N 188 
MVA CG1   HG13   sing N N 189 
MVA CG2   HG21   sing N N 190 
MVA CG2   HG22   sing N N 191 
MVA CG2   HG23   sing N N 192 
MVA C     O      doub N N 193 
MVA C     OXT    sing N N 194 
MVA OXT   HXT    sing N N 195 
NCY N     CA     sing N N 196 
NCY N     CN     sing N N 197 
NCY N     H      sing N N 198 
NCY CA    CB     sing N N 199 
NCY CA    C      sing N N 200 
NCY CA    HA     sing N N 201 
NCY CB    SG     sing N N 202 
NCY CB    HB2    sing N N 203 
NCY CB    HB3    sing N N 204 
NCY SG    HG     sing N N 205 
NCY CN    HCN1   sing N N 206 
NCY CN    HCN2   sing N N 207 
NCY CN    HCN3   sing N N 208 
NCY C     O      doub N N 209 
NCY C     OXT    sing N N 210 
NCY OXT   HXT    sing N N 211 
QUI N1    C2     doub Y N 212 
QUI N1    C9     sing Y N 213 
QUI C2    C3     sing Y N 214 
QUI C2    C      sing N N 215 
QUI C3    N4     doub Y N 216 
QUI C3    H3     sing N N 217 
QUI N4    C10    sing Y N 218 
QUI C5    C6     doub Y N 219 
QUI C5    C10    sing Y N 220 
QUI C5    H5     sing N N 221 
QUI C6    C7     sing Y N 222 
QUI C6    H6     sing N N 223 
QUI C7    C8     doub Y N 224 
QUI C7    H7     sing N N 225 
QUI C8    C9     sing Y N 226 
QUI C8    H8     sing N N 227 
QUI C9    C10    doub Y N 228 
QUI C     O1     doub N N 229 
QUI C     O2     sing N N 230 
QUI O2    HO2    sing N N 231 
# 
_ndb_struct_conf_na.entry_id   1VS2 
_ndb_struct_conf_na.feature    'double helix' 
# 
loop_
_ndb_struct_na_base_pair.model_number 
_ndb_struct_na_base_pair.i_label_asym_id 
_ndb_struct_na_base_pair.i_label_comp_id 
_ndb_struct_na_base_pair.i_label_seq_id 
_ndb_struct_na_base_pair.i_symmetry 
_ndb_struct_na_base_pair.j_label_asym_id 
_ndb_struct_na_base_pair.j_label_comp_id 
_ndb_struct_na_base_pair.j_label_seq_id 
_ndb_struct_na_base_pair.j_symmetry 
_ndb_struct_na_base_pair.shear 
_ndb_struct_na_base_pair.stretch 
_ndb_struct_na_base_pair.stagger 
_ndb_struct_na_base_pair.buckle 
_ndb_struct_na_base_pair.propeller 
_ndb_struct_na_base_pair.opening 
_ndb_struct_na_base_pair.pair_number 
_ndb_struct_na_base_pair.pair_name 
_ndb_struct_na_base_pair.i_auth_asym_id 
_ndb_struct_na_base_pair.i_auth_seq_id 
_ndb_struct_na_base_pair.i_PDB_ins_code 
_ndb_struct_na_base_pair.j_auth_asym_id 
_ndb_struct_na_base_pair.j_auth_seq_id 
_ndb_struct_na_base_pair.j_PDB_ins_code 
_ndb_struct_na_base_pair.hbond_type_28 
_ndb_struct_na_base_pair.hbond_type_12 
1 A DG 1 1_555 A DC 8 9_555 0.166  -3.186 -0.337 1.660   -5.202 63.416  1 A_DG1:DC8_A A 1 ? A 8 ? ?  ? 
1 A DC 2 1_555 A DG 7 9_555 0.136  -0.375 0.347  -12.700 -5.949 -1.084  2 A_DC2:DG7_A A 2 ? A 7 ? 19 1 
1 A DG 3 1_555 A DC 6 9_555 0.104  -0.400 -0.135 8.076   -2.791 -6.603  3 A_DG3:DC6_A A 3 ? A 6 ? 19 1 
1 A DT 4 1_555 A DA 5 9_555 -0.377 3.294  -0.095 -1.594  7.371  -67.738 4 A_DT4:DA5_A A 4 ? A 5 ? 23 3 
1 A DA 5 1_555 A DT 4 9_555 0.377  -3.294 0.095  1.594   -7.371 67.738  5 A_DA5:DT4_A A 5 ? A 4 ? 23 3 
1 A DC 6 1_555 A DG 3 9_555 -0.104 -0.400 -0.135 -8.076  -2.791 -6.603  6 A_DC6:DG3_A A 6 ? A 3 ? 19 1 
1 A DG 7 1_555 A DC 2 9_555 -0.136 -0.375 0.347  12.700  -5.949 -1.084  7 A_DG7:DC2_A A 7 ? A 2 ? 19 1 
1 A DC 8 1_555 A DG 1 9_555 -0.166 3.186  0.337  -1.660  5.202  -63.416 8 A_DC8:DG1_A A 8 ? A 1 ? ?  ? 
# 
loop_
_ndb_struct_na_base_pair_step.model_number 
_ndb_struct_na_base_pair_step.i_label_asym_id_1 
_ndb_struct_na_base_pair_step.i_label_comp_id_1 
_ndb_struct_na_base_pair_step.i_label_seq_id_1 
_ndb_struct_na_base_pair_step.i_symmetry_1 
_ndb_struct_na_base_pair_step.j_label_asym_id_1 
_ndb_struct_na_base_pair_step.j_label_comp_id_1 
_ndb_struct_na_base_pair_step.j_label_seq_id_1 
_ndb_struct_na_base_pair_step.j_symmetry_1 
_ndb_struct_na_base_pair_step.i_label_asym_id_2 
_ndb_struct_na_base_pair_step.i_label_comp_id_2 
_ndb_struct_na_base_pair_step.i_label_seq_id_2 
_ndb_struct_na_base_pair_step.i_symmetry_2 
_ndb_struct_na_base_pair_step.j_label_asym_id_2 
_ndb_struct_na_base_pair_step.j_label_comp_id_2 
_ndb_struct_na_base_pair_step.j_label_seq_id_2 
_ndb_struct_na_base_pair_step.j_symmetry_2 
_ndb_struct_na_base_pair_step.shift 
_ndb_struct_na_base_pair_step.slide 
_ndb_struct_na_base_pair_step.rise 
_ndb_struct_na_base_pair_step.tilt 
_ndb_struct_na_base_pair_step.roll 
_ndb_struct_na_base_pair_step.twist 
_ndb_struct_na_base_pair_step.x_displacement 
_ndb_struct_na_base_pair_step.y_displacement 
_ndb_struct_na_base_pair_step.helical_rise 
_ndb_struct_na_base_pair_step.inclination 
_ndb_struct_na_base_pair_step.tip 
_ndb_struct_na_base_pair_step.helical_twist 
_ndb_struct_na_base_pair_step.step_number 
_ndb_struct_na_base_pair_step.step_name 
_ndb_struct_na_base_pair_step.i_auth_asym_id_1 
_ndb_struct_na_base_pair_step.i_auth_seq_id_1 
_ndb_struct_na_base_pair_step.i_PDB_ins_code_1 
_ndb_struct_na_base_pair_step.j_auth_asym_id_1 
_ndb_struct_na_base_pair_step.j_auth_seq_id_1 
_ndb_struct_na_base_pair_step.j_PDB_ins_code_1 
_ndb_struct_na_base_pair_step.i_auth_asym_id_2 
_ndb_struct_na_base_pair_step.i_auth_seq_id_2 
_ndb_struct_na_base_pair_step.i_PDB_ins_code_2 
_ndb_struct_na_base_pair_step.j_auth_asym_id_2 
_ndb_struct_na_base_pair_step.j_auth_seq_id_2 
_ndb_struct_na_base_pair_step.j_PDB_ins_code_2 
1 A DG 1 1_555 A DC 8 9_555 A DC 2 1_555 A DG 7 9_555 3.260  6.355 -1.133 -148.509 93.777  -92.614  -2.923 2.036  -1.259 -47.211 
-74.765 -176.988 1 AA_DG1DC2:DG7DC8_AA A 1 ? A 8 ? A 2 ? A 7 ? 
1 A DC 2 1_555 A DG 7 9_555 A DG 3 1_555 A DC 6 9_555 -0.659 1.400 3.126  2.341    2.344   8.513    3.605  9.319  3.104  15.062  
-15.043 9.134    2 AA_DC2DG3:DC6DG7_AA A 2 ? A 7 ? A 3 ? A 6 ? 
1 A DG 3 1_555 A DC 6 9_555 A DT 4 1_555 A DA 5 9_555 0.197  0.329 6.803  -8.784   4.411   55.944   -0.165 -1.226 6.712  4.662   
9.284   56.733   3 AA_DG3DT4:DA5DC6_AA A 3 ? A 6 ? A 4 ? A 5 ? 
1 A DT 4 1_555 A DA 5 9_555 A DA 5 1_555 A DT 4 9_555 -3.147 5.147 0.000  154.480  -79.404 -180.000 -2.574 -1.573 0.000  39.702  
77.240  -180.000 4 AA_DT4DA5:DT4DA5_AA A 4 ? A 5 ? A 5 ? A 4 ? 
1 A DA 5 1_555 A DT 4 9_555 A DC 6 1_555 A DG 3 9_555 3.166  6.022 -0.383 -150.290 79.817  -53.323  -2.936 1.746  -0.198 -41.177 
-77.534 -171.218 5 AA_DA5DC6:DG3DT4_AA A 5 ? A 4 ? A 6 ? A 3 ? 
1 A DC 6 1_555 A DG 3 9_555 A DG 7 1_555 A DC 2 9_555 0.659  1.400 3.126  -2.341   2.344   8.513    3.605  -9.319 3.104  15.062  
15.043  9.134    6 AA_DC6DG7:DC2DG3_AA A 6 ? A 3 ? A 7 ? A 2 ? 
1 A DG 7 1_555 A DC 2 9_555 A DC 8 1_555 A DG 1 9_555 1.259  0.322 7.113  -3.013   3.153   64.541   0.013  -1.452 7.062  2.949   
2.818   64.673   7 AA_DG7DC8:DG1DC2_AA A 7 ? A 2 ? A 8 ? A 1 ? 
# 
_atom_sites.entry_id                    1VS2 
_atom_sites.fract_transf_matrix[1][1]   0.01345366 
_atom_sites.fract_transf_matrix[1][2]   -0.01413906 
_atom_sites.fract_transf_matrix[1][3]   -0.02039976 
_atom_sites.fract_transf_matrix[2][1]   -0.01476584 
_atom_sites.fract_transf_matrix[2][2]   -0.01401799 
_atom_sites.fract_transf_matrix[2][3]   -0.01955791 
_atom_sites.fract_transf_matrix[3][1]   -0.00016935 
_atom_sites.fract_transf_matrix[3][2]   0.01013131 
_atom_sites.fract_transf_matrix[3][3]   -0.00713369 
_atom_sites.fract_transf_vector[1]      0.000333 
_atom_sites.fract_transf_vector[2]      0.375747 
_atom_sites.fract_transf_vector[3]      -0.136279 
# 
loop_
_atom_type.symbol 
C 
N 
O 
P 
S 
# 
loop_
_atom_site.group_PDB 
_atom_site.id 
_atom_site.type_symbol 
_atom_site.label_atom_id 
_atom_site.label_alt_id 
_atom_site.label_comp_id 
_atom_site.label_asym_id 
_atom_site.label_entity_id 
_atom_site.label_seq_id 
_atom_site.pdbx_PDB_ins_code 
_atom_site.Cartn_x 
_atom_site.Cartn_y 
_atom_site.Cartn_z 
_atom_site.occupancy 
_atom_site.B_iso_or_equiv 
_atom_site.pdbx_formal_charge 
_atom_site.auth_seq_id 
_atom_site.auth_comp_id 
_atom_site.auth_asym_id 
_atom_site.auth_atom_id 
_atom_site.pdbx_PDB_model_num 
ATOM   1   O "O5'" . DG  A 1 1 ? -8.348  -10.687 1.903   1.00 7.63  ? 1 DG  A "O5'" 1 
ATOM   2   C "C5'" . DG  A 1 1 ? -7.047  -10.256 1.517   1.00 7.13  ? 1 DG  A "C5'" 1 
ATOM   3   C "C4'" . DG  A 1 1 ? -6.733  -8.953  2.223   1.00 6.85  ? 1 DG  A "C4'" 1 
ATOM   4   O "O4'" . DG  A 1 1 ? -5.340  -8.898  2.451   1.00 6.20  ? 1 DG  A "O4'" 1 
ATOM   5   C "C3'" . DG  A 1 1 ? -7.042  -7.622  1.430   1.00 7.42  ? 1 DG  A "C3'" 1 
ATOM   6   O "O3'" . DG  A 1 1 ? -7.585  -6.654  2.327   1.00 8.64  ? 1 DG  A "O3'" 1 
ATOM   7   C "C2'" . DG  A 1 1 ? -5.743  -7.138  0.951   1.00 6.30  ? 1 DG  A "C2'" 1 
ATOM   8   C "C1'" . DG  A 1 1 ? -4.622  -7.938  1.666   1.00 4.71  ? 1 DG  A "C1'" 1 
ATOM   9   N N9    . DG  A 1 1 ? -3.803  -8.590  0.736   1.00 3.62  ? 1 DG  A N9    1 
ATOM   10  C C8    . DG  A 1 1 ? -2.466  -8.730  0.785   1.00 3.27  ? 1 DG  A C8    1 
ATOM   11  N N7    . DG  A 1 1 ? -1.961  -9.428  -0.232  1.00 3.07  ? 1 DG  A N7    1 
ATOM   12  C C5    . DG  A 1 1 ? -3.082  -9.715  -0.964  1.00 2.97  ? 1 DG  A C5    1 
ATOM   13  C C6    . DG  A 1 1 ? -3.231  -10.440 -2.172  1.00 2.94  ? 1 DG  A C6    1 
ATOM   14  O O6    . DG  A 1 1 ? -2.229  -10.943 -2.742  1.00 3.37  ? 1 DG  A O6    1 
ATOM   15  N N1    . DG  A 1 1 ? -4.452  -10.588 -2.689  1.00 2.83  ? 1 DG  A N1    1 
ATOM   16  C C2    . DG  A 1 1 ? -5.485  -10.045 -2.007  1.00 3.09  ? 1 DG  A C2    1 
ATOM   17  N N2    . DG  A 1 1 ? -6.649  -10.112 -2.424  1.00 2.89  ? 1 DG  A N2    1 
ATOM   18  N N3    . DG  A 1 1 ? -5.480  -9.364  -0.857  1.00 3.09  ? 1 DG  A N3    1 
ATOM   19  C C4    . DG  A 1 1 ? -4.222  -9.229  -0.415  1.00 2.97  ? 1 DG  A C4    1 
ATOM   20  P P     . DC  A 1 2 ? -8.864  -5.844  1.839   1.00 9.66  ? 2 DC  A P     1 
ATOM   21  O OP1   . DC  A 1 2 ? -9.249  -4.992  2.975   1.00 9.72  ? 2 DC  A OP1   1 
ATOM   22  O OP2   . DC  A 1 2 ? -9.669  -6.760  1.119   1.00 9.66  ? 2 DC  A OP2   1 
ATOM   23  O "O5'" . DC  A 1 2 ? -8.338  -5.048  0.477   1.00 9.42  ? 2 DC  A "O5'" 1 
ATOM   24  C "C5'" . DC  A 1 2 ? -9.049  -3.855  0.225   1.00 8.66  ? 2 DC  A "C5'" 1 
ATOM   25  C "C4'" . DC  A 1 2 ? -8.056  -2.674  0.224   1.00 7.77  ? 2 DC  A "C4'" 1 
ATOM   26  O "O4'" . DC  A 1 2 ? -6.838  -2.929  -0.503  1.00 6.86  ? 2 DC  A "O4'" 1 
ATOM   27  C "C3'" . DC  A 1 2 ? -8.701  -1.407  -0.442  1.00 7.52  ? 2 DC  A "C3'" 1 
ATOM   28  O "O3'" . DC  A 1 2 ? -9.300  -0.664  0.628   1.00 8.00  ? 2 DC  A "O3'" 1 
ATOM   29  C "C2'" . DC  A 1 2 ? -7.607  -0.766  -1.185  1.00 6.65  ? 2 DC  A "C2'" 1 
ATOM   30  C "C1'" . DC  A 1 2 ? -6.429  -1.755  -1.243  1.00 5.20  ? 2 DC  A "C1'" 1 
ATOM   31  N N1    . DC  A 1 2 ? -6.114  -2.399  -2.543  1.00 4.11  ? 2 DC  A N1    1 
ATOM   32  C C2    . DC  A 1 2 ? -4.797  -2.630  -2.805  1.00 3.51  ? 2 DC  A C2    1 
ATOM   33  O O2    . DC  A 1 2 ? -3.915  -2.294  -2.040  1.00 3.38  ? 2 DC  A O2    1 
ATOM   34  N N3    . DC  A 1 2 ? -4.516  -3.241  -4.001  1.00 3.26  ? 2 DC  A N3    1 
ATOM   35  C C4    . DC  A 1 2 ? -5.463  -3.663  -4.901  1.00 3.49  ? 2 DC  A C4    1 
ATOM   36  N N4    . DC  A 1 2 ? -5.128  -4.274  -6.085  1.00 3.49  ? 2 DC  A N4    1 
ATOM   37  C C5    . DC  A 1 2 ? -6.831  -3.420  -4.579  1.00 3.87  ? 2 DC  A C5    1 
ATOM   38  C C6    . DC  A 1 2 ? -7.102  -2.816  -3.421  1.00 3.87  ? 2 DC  A C6    1 
ATOM   39  P P     . DG  A 1 3 ? -10.506 0.263   0.108   1.00 8.53  ? 3 DG  A P     1 
ATOM   40  O OP1   . DG  A 1 3 ? -11.205 0.728   1.303   1.00 8.04  ? 3 DG  A OP1   1 
ATOM   41  O OP2   . DG  A 1 3 ? -11.073 -0.412  -1.006  1.00 8.36  ? 3 DG  A OP2   1 
ATOM   42  O "O5'" . DG  A 1 3 ? -9.688  1.498   -0.695  1.00 7.98  ? 3 DG  A "O5'" 1 
ATOM   43  C "C5'" . DG  A 1 3 ? -8.631  1.953   0.221   1.00 7.29  ? 3 DG  A "C5'" 1 
ATOM   44  C "C4'" . DG  A 1 3 ? -7.545  2.877   -0.204  1.00 6.18  ? 3 DG  A "C4'" 1 
ATOM   45  O "O4'" . DG  A 1 3 ? -6.512  2.280   -1.020  1.00 5.83  ? 3 DG  A "O4'" 1 
ATOM   46  C "C3'" . DG  A 1 3 ? -7.887  4.100   -1.164  1.00 6.19  ? 3 DG  A "C3'" 1 
ATOM   47  O "O3'" . DG  A 1 3 ? -6.811  4.956   -0.857  1.00 6.83  ? 3 DG  A "O3'" 1 
ATOM   48  C "C2'" . DG  A 1 3 ? -7.814  3.513   -2.532  1.00 5.39  ? 3 DG  A "C2'" 1 
ATOM   49  C "C1'" . DG  A 1 3 ? -6.420  2.750   -2.388  1.00 4.43  ? 3 DG  A "C1'" 1 
ATOM   50  N N9    . DG  A 1 3 ? -6.243  1.843   -3.456  1.00 3.72  ? 3 DG  A N9    1 
ATOM   51  C C8    . DG  A 1 3 ? -7.185  1.444   -4.336  1.00 3.26  ? 3 DG  A C8    1 
ATOM   52  N N7    . DG  A 1 3 ? -6.745  0.613   -5.274  1.00 2.87  ? 3 DG  A N7    1 
ATOM   53  C C5    . DG  A 1 3 ? -5.429  0.494   -4.971  1.00 2.55  ? 3 DG  A C5    1 
ATOM   54  C C6    . DG  A 1 3 ? -4.402  -0.276  -5.597  1.00 2.35  ? 3 DG  A C6    1 
ATOM   55  O O6    . DG  A 1 3 ? -4.642  -0.954  -6.639  1.00 2.16  ? 3 DG  A O6    1 
ATOM   56  N N1    . DG  A 1 3 ? -3.178  -0.215  -5.078  1.00 2.00  ? 3 DG  A N1    1 
ATOM   57  C C2    . DG  A 1 3 ? -2.962  0.542   -3.994  1.00 2.32  ? 3 DG  A C2    1 
ATOM   58  N N2    . DG  A 1 3 ? -1.834  0.626   -3.494  1.00 2.30  ? 3 DG  A N2    1 
ATOM   59  N N3    . DG  A 1 3 ? -3.856  1.289   -3.317  1.00 2.76  ? 3 DG  A N3    1 
ATOM   60  C C4    . DG  A 1 3 ? -5.071  1.206   -3.869  1.00 2.75  ? 3 DG  A C4    1 
ATOM   61  P P     . DT  A 1 4 ? -6.997  6.505   -0.558  1.00 6.63  ? 4 DT  A P     1 
ATOM   62  O OP1   . DT  A 1 4 ? -6.904  6.872   0.858   1.00 6.50  ? 4 DT  A OP1   1 
ATOM   63  O OP2   . DT  A 1 4 ? -8.085  6.718   -1.422  1.00 6.99  ? 4 DT  A OP2   1 
ATOM   64  O "O5'" . DT  A 1 4 ? -5.696  7.127   -1.317  1.00 6.68  ? 4 DT  A "O5'" 1 
ATOM   65  C "C5'" . DT  A 1 4 ? -4.601  6.743   -0.446  1.00 6.07  ? 4 DT  A "C5'" 1 
ATOM   66  C "C4'" . DT  A 1 4 ? -3.624  7.890   -0.524  1.00 5.84  ? 4 DT  A "C4'" 1 
ATOM   67  O "O4'" . DT  A 1 4 ? -3.068  7.859   -1.841  1.00 5.22  ? 4 DT  A "O4'" 1 
ATOM   68  C "C3'" . DT  A 1 4 ? -4.204  9.338   -0.444  1.00 6.24  ? 4 DT  A "C3'" 1 
ATOM   69  O "O3'" . DT  A 1 4 ? -3.164  10.078  0.107   1.00 7.71  ? 4 DT  A "O3'" 1 
ATOM   70  C "C2'" . DT  A 1 4 ? -4.545  9.763   -1.851  1.00 5.13  ? 4 DT  A "C2'" 1 
ATOM   71  C "C1'" . DT  A 1 4 ? -3.668  8.807   -2.737  1.00 3.57  ? 4 DT  A "C1'" 1 
ATOM   72  N N1    . DT  A 1 4 ? -4.307  8.083   -3.878  1.00 2.35  ? 4 DT  A N1    1 
ATOM   73  C C2    . DT  A 1 4 ? -3.420  7.631   -4.807  1.00 2.00  ? 4 DT  A C2    1 
ATOM   74  O O2    . DT  A 1 4 ? -2.215  7.786   -4.714  1.00 2.08  ? 4 DT  A O2    1 
ATOM   75  N N3    . DT  A 1 4 ? -3.899  6.973   -5.912  1.00 2.00  ? 4 DT  A N3    1 
ATOM   76  C C4    . DT  A 1 4 ? -5.255  6.757   -6.103  1.00 2.00  ? 4 DT  A C4    1 
ATOM   77  O O4    . DT  A 1 4 ? -5.549  6.133   -7.178  1.00 2.00  ? 4 DT  A O4    1 
ATOM   78  C C5    . DT  A 1 4 ? -6.266  7.231   -5.153  1.00 2.00  ? 4 DT  A C5    1 
ATOM   79  C C7    . DT  A 1 4 ? -7.858  6.991   -5.344  1.00 2.06  ? 4 DT  A C7    1 
ATOM   80  C C6    . DT  A 1 4 ? -5.652  7.872   -4.103  1.00 2.00  ? 4 DT  A C6    1 
ATOM   81  P P     . DA  A 1 5 ? -3.456  11.526  0.671   1.00 8.89  ? 5 DA  A P     1 
ATOM   82  O OP1   . DA  A 1 5 ? -2.624  11.658  1.819   1.00 8.66  ? 5 DA  A OP1   1 
ATOM   83  O OP2   . DA  A 1 5 ? -4.926  11.663  0.690   1.00 8.99  ? 5 DA  A OP2   1 
ATOM   84  O "O5'" . DA  A 1 5 ? -2.693  12.647  -0.280  1.00 8.25  ? 5 DA  A "O5'" 1 
ATOM   85  C "C5'" . DA  A 1 5 ? -1.721  11.969  -1.111  1.00 7.39  ? 5 DA  A "C5'" 1 
ATOM   86  C "C4'" . DA  A 1 5 ? -1.491  12.699  -2.421  1.00 6.54  ? 5 DA  A "C4'" 1 
ATOM   87  O "O4'" . DA  A 1 5 ? -1.300  11.769  -3.494  1.00 5.37  ? 5 DA  A "O4'" 1 
ATOM   88  C "C3'" . DA  A 1 5 ? -2.659  13.610  -2.949  1.00 6.89  ? 5 DA  A "C3'" 1 
ATOM   89  O "O3'" . DA  A 1 5 ? -2.679  14.852  -2.279  1.00 8.14  ? 5 DA  A "O3'" 1 
ATOM   90  C "C2'" . DA  A 1 5 ? -2.308  13.743  -4.409  1.00 5.67  ? 5 DA  A "C2'" 1 
ATOM   91  C "C1'" . DA  A 1 5 ? -1.647  12.345  -4.729  1.00 3.83  ? 5 DA  A "C1'" 1 
ATOM   92  N N9    . DA  A 1 5 ? -2.538  11.603  -5.523  1.00 2.50  ? 5 DA  A N9    1 
ATOM   93  C C8    . DA  A 1 5 ? -2.152  10.878  -6.589  1.00 2.00  ? 5 DA  A C8    1 
ATOM   94  N N7    . DA  A 1 5 ? -3.161  10.272  -7.203  1.00 2.00  ? 5 DA  A N7    1 
ATOM   95  C C5    . DA  A 1 5 ? -4.240  10.647  -6.462  1.00 2.00  ? 5 DA  A C5    1 
ATOM   96  C C6    . DA  A 1 5 ? -5.613  10.320  -6.613  1.00 2.00  ? 5 DA  A C6    1 
ATOM   97  N N6    . DA  A 1 5 ? -6.061  9.513   -7.609  1.00 2.00  ? 5 DA  A N6    1 
ATOM   98  N N1    . DA  A 1 5 ? -6.475  10.862  -5.752  1.00 2.00  ? 5 DA  A N1    1 
ATOM   99  C C2    . DA  A 1 5 ? -5.972  11.657  -4.790  1.00 2.00  ? 5 DA  A C2    1 
ATOM   100 N N3    . DA  A 1 5 ? -4.700  12.028  -4.518  1.00 2.00  ? 5 DA  A N3    1 
ATOM   101 C C4    . DA  A 1 5 ? -3.904  11.471  -5.440  1.00 2.00  ? 5 DA  A C4    1 
ATOM   102 P P     . DC  A 1 6 ? -2.013  16.233  -2.591  1.00 9.34  ? 6 DC  A P     1 
ATOM   103 O OP1   . DC  A 1 6 ? -0.609  16.030  -2.800  1.00 9.11  ? 6 DC  A OP1   1 
ATOM   104 O OP2   . DC  A 1 6 ? -2.451  17.151  -1.487  1.00 9.28  ? 6 DC  A OP2   1 
ATOM   105 O "O5'" . DC  A 1 6 ? -2.430  16.853  -4.056  1.00 8.70  ? 6 DC  A "O5'" 1 
ATOM   106 C "C5'" . DC  A 1 6 ? -1.468  17.739  -4.629  1.00 7.51  ? 6 DC  A "C5'" 1 
ATOM   107 C "C4'" . DC  A 1 6 ? -1.982  18.865  -5.483  1.00 6.32  ? 6 DC  A "C4'" 1 
ATOM   108 O "O4'" . DC  A 1 6 ? -2.745  18.405  -6.638  1.00 5.13  ? 6 DC  A "O4'" 1 
ATOM   109 C "C3'" . DC  A 1 6 ? -2.879  19.897  -4.682  1.00 6.50  ? 6 DC  A "C3'" 1 
ATOM   110 O "O3'" . DC  A 1 6 ? -2.272  21.147  -4.731  1.00 7.61  ? 6 DC  A "O3'" 1 
ATOM   111 C "C2'" . DC  A 1 6 ? -4.244  19.783  -5.318  1.00 5.05  ? 6 DC  A "C2'" 1 
ATOM   112 C "C1'" . DC  A 1 6 ? -3.939  19.178  -6.760  1.00 3.32  ? 6 DC  A "C1'" 1 
ATOM   113 N N1    . DC  A 1 6 ? -5.079  18.479  -7.430  1.00 2.00  ? 6 DC  A N1    1 
ATOM   114 C C2    . DC  A 1 6 ? -4.783  17.660  -8.475  1.00 2.00  ? 6 DC  A C2    1 
ATOM   115 O O2    . DC  A 1 6 ? -3.663  17.413  -8.895  1.00 2.00  ? 6 DC  A O2    1 
ATOM   116 N N3    . DC  A 1 6 ? -5.857  17.073  -9.101  1.00 2.00  ? 6 DC  A N3    1 
ATOM   117 C C4    . DC  A 1 6 ? -7.170  17.237  -8.738  1.00 2.00  ? 6 DC  A C4    1 
ATOM   118 N N4    . DC  A 1 6 ? -8.206  16.604  -9.374  1.00 2.00  ? 6 DC  A N4    1 
ATOM   119 C C5    . DC  A 1 6 ? -7.428  18.113  -7.642  1.00 2.00  ? 6 DC  A C5    1 
ATOM   120 C C6    . DC  A 1 6 ? -6.392  18.671  -7.071  1.00 2.00  ? 6 DC  A C6    1 
ATOM   121 P P     . DG  A 1 7 ? -2.508  22.559  -4.052  1.00 8.33  ? 7 DG  A P     1 
ATOM   122 O OP1   . DG  A 1 7 ? -1.684  22.648  -2.825  1.00 8.11  ? 7 DG  A OP1   1 
ATOM   123 O OP2   . DG  A 1 7 ? -3.911  22.743  -4.081  1.00 8.16  ? 7 DG  A OP2   1 
ATOM   124 O "O5'" . DG  A 1 7 ? -1.983  23.659  -5.165  1.00 8.05  ? 7 DG  A "O5'" 1 
ATOM   125 C "C5'" . DG  A 1 7 ? -2.859  24.606  -5.791  1.00 6.81  ? 7 DG  A "C5'" 1 
ATOM   126 C "C4'" . DG  A 1 7 ? -3.048  24.131  -7.189  1.00 5.97  ? 7 DG  A "C4'" 1 
ATOM   127 O "O4'" . DG  A 1 7 ? -4.319  23.413  -7.422  1.00 4.90  ? 7 DG  A "O4'" 1 
ATOM   128 C "C3'" . DG  A 1 7 ? -3.140  25.146  -8.395  1.00 6.07  ? 7 DG  A "C3'" 1 
ATOM   129 O "O3'" . DG  A 1 7 ? -2.023  25.985  -8.352  1.00 6.79  ? 7 DG  A "O3'" 1 
ATOM   130 C "C2'" . DG  A 1 7 ? -3.240  24.028  -9.436  1.00 5.28  ? 7 DG  A "C2'" 1 
ATOM   131 C "C1'" . DG  A 1 7 ? -4.019  22.864  -8.784  1.00 3.63  ? 7 DG  A "C1'" 1 
ATOM   132 N N9    . DG  A 1 7 ? -5.236  22.308  -9.237  1.00 2.60  ? 7 DG  A N9    1 
ATOM   133 C C8    . DG  A 1 7 ? -6.462  22.593  -8.787  1.00 2.18  ? 7 DG  A C8    1 
ATOM   134 N N7    . DG  A 1 7 ? -7.431  21.869  -9.331  1.00 2.04  ? 7 DG  A N7    1 
ATOM   135 C C5    . DG  A 1 7 ? -6.748  21.060  -10.188 1.00 2.00  ? 7 DG  A C5    1 
ATOM   136 C C6    . DG  A 1 7 ? -7.214  20.032  -11.062 1.00 2.00  ? 7 DG  A C6    1 
ATOM   137 O O6    . DG  A 1 7 ? -8.437  19.738  -11.169 1.00 2.00  ? 7 DG  A O6    1 
ATOM   138 N N1    . DG  A 1 7 ? -6.306  19.398  -11.774 1.00 2.00  ? 7 DG  A N1    1 
ATOM   139 C C2    . DG  A 1 7 ? -5.011  19.702  -11.640 1.00 2.00  ? 7 DG  A C2    1 
ATOM   140 N N2    . DG  A 1 7 ? -4.118  19.127  -12.280 1.00 2.00  ? 7 DG  A N2    1 
ATOM   141 N N3    . DG  A 1 7 ? -4.438  20.630  -10.841 1.00 2.00  ? 7 DG  A N3    1 
ATOM   142 C C4    . DG  A 1 7 ? -5.410  21.274  -10.154 1.00 2.00  ? 7 DG  A C4    1 
ATOM   143 P P     . DC  A 1 8 ? -1.732  27.479  -8.789  1.00 6.60  ? 8 DC  A P     1 
ATOM   144 O OP1   . DC  A 1 8 ? -0.511  27.900  -8.094  1.00 6.73  ? 8 DC  A OP1   1 
ATOM   145 O OP2   . DC  A 1 8 ? -2.941  28.183  -8.574  1.00 6.52  ? 8 DC  A OP2   1 
ATOM   146 O "O5'" . DC  A 1 8 ? -1.560  27.422  -10.416 1.00 6.55  ? 8 DC  A "O5'" 1 
ATOM   147 C "C5'" . DC  A 1 8 ? -0.147  27.066  -10.604 1.00 6.49  ? 8 DC  A "C5'" 1 
ATOM   148 C "C4'" . DC  A 1 8 ? 0.028   26.865  -12.100 1.00 6.55  ? 8 DC  A "C4'" 1 
ATOM   149 O "O4'" . DC  A 1 8 ? -1.239  26.471  -12.672 1.00 6.57  ? 8 DC  A "O4'" 1 
ATOM   150 C "C3'" . DC  A 1 8 ? 0.423   28.145  -12.942 1.00 6.74  ? 8 DC  A "C3'" 1 
ATOM   151 O "O3'" . DC  A 1 8 ? 1.132   27.625  -14.031 1.00 7.43  ? 8 DC  A "O3'" 1 
ATOM   152 C "C2'" . DC  A 1 8 ? -0.931  28.724  -13.250 1.00 6.45  ? 8 DC  A "C2'" 1 
ATOM   153 C "C1'" . DC  A 1 8 ? -1.767  27.453  -13.647 1.00 5.79  ? 8 DC  A "C1'" 1 
ATOM   154 N N1    . DC  A 1 8 ? -3.256  27.413  -13.445 1.00 5.28  ? 8 DC  A N1    1 
ATOM   155 C C2    . DC  A 1 8 ? -3.998  26.687  -14.332 1.00 5.04  ? 8 DC  A C2    1 
ATOM   156 O O2    . DC  A 1 8 ? -3.583  26.107  -15.319 1.00 4.88  ? 8 DC  A O2    1 
ATOM   157 N N3    . DC  A 1 8 ? -5.345  26.624  -14.094 1.00 4.94  ? 8 DC  A N3    1 
ATOM   158 C C4    . DC  A 1 8 ? -5.980  27.237  -13.041 1.00 5.26  ? 8 DC  A C4    1 
ATOM   159 N N4    . DC  A 1 8 ? -7.339  27.068  -12.953 1.00 5.48  ? 8 DC  A N4    1 
ATOM   160 C C5    . DC  A 1 8 ? -5.185  27.956  -12.122 1.00 5.26  ? 8 DC  A C5    1 
ATOM   161 C C6    . DC  A 1 8 ? -3.877  28.003  -12.366 1.00 5.21  ? 8 DC  A C6    1 
HETATM 162 N N     . DSN B 2 1 ? 0.842   -5.887  -1.256  1.00 5.93  ? 1 DSN B N     1 
HETATM 163 C CA    . DSN B 2 1 ? 1.162   -5.639  0.098   1.00 8.19  ? 1 DSN B CA    1 
HETATM 164 C C     . DSN B 2 1 ? 1.930   -4.338  0.203   1.00 9.14  ? 1 DSN B C     1 
HETATM 165 O O     . DSN B 2 1 ? 2.555   -4.131  1.281   1.00 9.06  ? 1 DSN B O     1 
HETATM 166 C CB    . DSN B 2 1 ? -0.113  -5.915  0.718   1.00 8.93  ? 1 DSN B CB    1 
HETATM 167 O OG    . DSN B 2 1 ? -0.881  -4.914  1.469   1.00 10.67 ? 1 DSN B OG    1 
ATOM   168 N N     . ALA B 2 2 ? 1.971   -3.601  -1.036  1.00 10.51 ? 2 ALA B N     1 
ATOM   169 C CA    . ALA B 2 2 ? 2.888   -2.538  -1.329  1.00 11.65 ? 2 ALA B CA    1 
ATOM   170 C C     . ALA B 2 2 ? 2.104   -1.201  -1.092  1.00 12.04 ? 2 ALA B C     1 
ATOM   171 O O     . ALA B 2 2 ? 0.876   -1.362  -1.349  1.00 11.88 ? 2 ALA B O     1 
ATOM   172 C CB    . ALA B 2 2 ? 3.385   -2.388  -2.739  1.00 11.79 ? 2 ALA B CB    1 
HETATM 173 N N     . NCY B 2 3 ? 2.953   -0.228  -0.544  1.00 12.90 ? 3 NCY B N     1 
HETATM 174 C CA    . NCY B 2 3 ? 2.366   0.922   0.163   1.00 13.63 ? 3 NCY B CA    1 
HETATM 175 C CB    . NCY B 2 3 ? 2.715   0.935   1.645   1.00 14.33 ? 3 NCY B CB    1 
HETATM 176 S SG    . NCY B 2 3 ? 1.357   0.074   2.600   1.00 15.74 ? 3 NCY B SG    1 
HETATM 177 C CN    . NCY B 2 3 ? 4.427   -0.207  -0.676  1.00 12.71 ? 3 NCY B CN    1 
HETATM 178 C C     . NCY B 2 3 ? 2.808   2.240   -0.528  1.00 13.71 ? 3 NCY B C     1 
HETATM 179 O O     . NCY B 2 3 ? 3.704   2.934   0.073   1.00 13.77 ? 3 NCY B O     1 
HETATM 180 N N     . MVA B 2 4 ? 2.201   2.468   -1.787  1.00 13.48 ? 4 MVA B N     1 
HETATM 181 C CN    . MVA B 2 4 ? 1.261   1.653   -2.558  1.00 13.33 ? 4 MVA B CN    1 
HETATM 182 C CA    . MVA B 2 4 ? 2.734   3.632   -2.502  1.00 13.17 ? 4 MVA B CA    1 
HETATM 183 C CB    . MVA B 2 4 ? 3.345   3.230   -3.815  1.00 13.27 ? 4 MVA B CB    1 
HETATM 184 C CG1   . MVA B 2 4 ? 4.735   2.613   -3.604  1.00 13.03 ? 4 MVA B CG1   1 
HETATM 185 C CG2   . MVA B 2 4 ? 3.321   4.308   -4.877  1.00 13.06 ? 4 MVA B CG2   1 
HETATM 186 C C     . MVA B 2 4 ? 1.903   4.813   -2.276  1.00 13.12 ? 4 MVA B C     1 
HETATM 187 O O     . MVA B 2 4 ? 2.254   5.721   -1.444  1.00 13.36 ? 4 MVA B O     1 
HETATM 188 N N     . DSN B 2 5 ? -1.903  4.256   -3.580  1.00 6.95  ? 5 DSN B N     1 
HETATM 189 C CA    . DSN B 2 5 ? -2.058  4.720   -2.216  1.00 9.26  ? 5 DSN B CA    1 
HETATM 190 C C     . DSN B 2 5 ? -2.180  3.764   -1.034  1.00 10.20 ? 5 DSN B C     1 
HETATM 191 O O     . DSN B 2 5 ? -1.925  4.207   0.150   1.00 9.99  ? 5 DSN B O     1 
HETATM 192 C CB    . DSN B 2 5 ? -0.841  5.606   -1.939  1.00 9.93  ? 5 DSN B CB    1 
HETATM 193 O OG    . DSN B 2 5 ? 0.400   4.824   -2.407  1.00 11.86 ? 5 DSN B OG    1 
ATOM   194 N N     . ALA B 2 6 ? -2.790  2.494   -1.239  1.00 10.96 ? 6 ALA B N     1 
ATOM   195 C CA    . ALA B 2 6 ? -3.403  1.857   -0.083  1.00 12.18 ? 6 ALA B CA    1 
ATOM   196 C C     . ALA B 2 6 ? -2.305  1.233   0.828   1.00 12.88 ? 6 ALA B C     1 
ATOM   197 O O     . ALA B 2 6 ? -1.213  0.872   0.304   1.00 12.92 ? 6 ALA B O     1 
ATOM   198 C CB    . ALA B 2 6 ? -4.135  0.584   -0.541  1.00 12.46 ? 6 ALA B CB    1 
HETATM 199 N N     . NCY B 2 7 ? -2.669  0.795   2.107   1.00 13.39 ? 7 NCY B N     1 
HETATM 200 C CA    . NCY B 2 7 ? -1.479  0.374   2.855   1.00 13.73 ? 7 NCY B CA    1 
HETATM 201 C CB    . NCY B 2 7 ? -0.950  1.517   3.667   1.00 14.26 ? 7 NCY B CB    1 
HETATM 202 S SG    . NCY B 2 7 ? 0.730   1.013   4.227   1.00 15.58 ? 7 NCY B SG    1 
HETATM 203 C CN    . NCY B 2 7 ? -3.780  1.278   2.933   1.00 13.57 ? 7 NCY B CN    1 
HETATM 204 C C     . NCY B 2 7 ? -1.700  -1.016  3.395   1.00 13.58 ? 7 NCY B C     1 
HETATM 205 O O     . NCY B 2 7 ? -2.086  -1.187  4.591   1.00 13.63 ? 7 NCY B O     1 
HETATM 206 N N     . MVA B 2 8 ? -1.825  -2.046  2.427   1.00 13.15 ? 8 MVA B N     1 
HETATM 207 C CN    . MVA B 2 8 ? -2.094  -1.909  0.988   1.00 12.92 ? 8 MVA B CN    1 
HETATM 208 C CA    . MVA B 2 8 ? -2.210  -3.327  3.013   1.00 12.43 ? 8 MVA B CA    1 
HETATM 209 C CB    . MVA B 2 8 ? -3.615  -3.622  2.726   1.00 12.57 ? 8 MVA B CB    1 
HETATM 210 C CG1   . MVA B 2 8 ? -3.795  -4.856  1.875   1.00 12.78 ? 8 MVA B CG1   1 
HETATM 211 C CG2   . MVA B 2 8 ? -4.591  -3.460  3.862   1.00 12.29 ? 8 MVA B CG2   1 
HETATM 212 C C     . MVA B 2 8 ? -1.090  -4.226  2.775   1.00 12.18 ? 8 MVA B C     1 
HETATM 213 O O     . MVA B 2 8 ? 0.037   -4.133  3.356   1.00 12.71 ? 8 MVA B O     1 
HETATM 214 N N1    . QUI C 3 . ? -1.788  -6.268  -1.524  1.00 2.00  ? 0 QUI B N1    1 
HETATM 215 C C2    . QUI C 3 . ? -0.833  -6.962  -2.252  1.00 2.12  ? 0 QUI B C2    1 
HETATM 216 C C3    . QUI C 3 . ? -1.123  -7.672  -3.407  1.00 2.00  ? 0 QUI B C3    1 
HETATM 217 N N4    . QUI C 3 . ? -2.425  -7.692  -3.840  1.00 2.00  ? 0 QUI B N4    1 
HETATM 218 C C5    . QUI C 3 . ? -4.706  -7.087  -3.641  1.00 2.00  ? 0 QUI B C5    1 
HETATM 219 C C6    . QUI C 3 . ? -5.710  -6.420  -2.936  1.00 2.00  ? 0 QUI B C6    1 
HETATM 220 C C7    . QUI C 3 . ? -5.393  -5.695  -1.789  1.00 2.00  ? 0 QUI B C7    1 
HETATM 221 C C8    . QUI C 3 . ? -4.088  -5.641  -1.295  1.00 2.00  ? 0 QUI B C8    1 
HETATM 222 C C9    . QUI C 3 . ? -3.098  -6.321  -1.989  1.00 2.00  ? 0 QUI B C9    1 
HETATM 223 C C10   . QUI C 3 . ? -3.415  -7.025  -3.136  1.00 2.00  ? 0 QUI B C10   1 
HETATM 224 C C     . QUI C 3 . ? 0.629   -6.995  -1.843  1.00 3.94  ? 0 QUI B C     1 
HETATM 225 O O1    . QUI C 3 . ? 1.410   -7.636  -2.589  1.00 4.24  ? 0 QUI B O1    1 
HETATM 226 N N1    . QUI D 3 . ? -1.509  3.119   -6.003  1.00 2.00  ? 9 QUI B N1    1 
HETATM 227 C C2    . QUI D 3 . ? -2.829  3.427   -5.645  1.00 2.31  ? 9 QUI B C2    1 
HETATM 228 C C3    . QUI D 3 . ? -3.896  3.033   -6.434  1.00 2.00  ? 9 QUI B C3    1 
HETATM 229 N N4    . QUI D 3 . ? -3.630  2.303   -7.616  1.00 2.00  ? 9 QUI B N4    1 
HETATM 230 C C5    . QUI D 3 . ? -2.056  1.294   -9.143  1.00 2.00  ? 9 QUI B C5    1 
HETATM 231 C C6    . QUI D 3 . ? -0.735  0.983   -9.489  1.00 2.00  ? 9 QUI B C6    1 
HETATM 232 C C7    . QUI D 3 . ? 0.332   1.395   -8.677  1.00 2.00  ? 9 QUI B C7    1 
HETATM 233 C C8    . QUI D 3 . ? 0.052   2.087   -7.505  1.00 2.00  ? 9 QUI B C8    1 
HETATM 234 C C9    . QUI D 3 . ? -1.259  2.385   -7.163  1.00 2.00  ? 9 QUI B C9    1 
HETATM 235 C C10   . QUI D 3 . ? -2.313  1.994   -7.974  1.00 2.00  ? 9 QUI B C10   1 
HETATM 236 C C     . QUI D 3 . ? -2.990  4.207   -4.381  1.00 4.44  ? 9 QUI B C     1 
HETATM 237 O O1    . QUI D 3 . ? -4.150  4.332   -3.953  1.00 4.90  ? 9 QUI B O1    1 
# 
